data_7VN9
#
_entry.id   7VN9
#
_cell.length_a   183.732
_cell.length_b   183.732
_cell.length_c   255.988
_cell.angle_alpha   90.000
_cell.angle_beta   90.000
_cell.angle_gamma   120.000
#
_symmetry.space_group_name_H-M   'P 62 2 2'
#
loop_
_entity.id
_entity.type
_entity.pdbx_description
1 polymer 'C04 Fab heavy chain'
2 polymer 'C04 Fab light chain'
3 polymer 'Spike glycoprotein S1'
4 branched beta-D-mannopyranose-(1-4)-2-acetamido-2-deoxy-beta-D-glucopyranose-(1-4)-2-acetamido-2-deoxy-beta-D-glucopyranose
5 branched 2-acetamido-2-deoxy-beta-D-glucopyranose-(1-4)-2-acetamido-2-deoxy-beta-D-glucopyranose
6 non-polymer 2-acetamido-2-deoxy-beta-D-glucopyranose
#
loop_
_entity_poly.entity_id
_entity_poly.type
_entity_poly.pdbx_seq_one_letter_code
_entity_poly.pdbx_strand_id
1 'polypeptide(L)'
;EVQLVESGGGLVQPGGSLRLSCAASGFNISSSYIHWVRQAPGKGLEWVASIYSSYGYTYYADSVKGRFTISADTSKNTAY
LQMNSLRAEDTAVYYCARWWASVGGAGGGLDYWGQGTLVTVSSASTKGPSVFPLAPSSKSTSGGTAALGCLVKDYFPEPV
TVSWNSGALTSGVHTFPAVLQSSGLYSLSSVVTVPSSSLGTQTYICNVNHKPSNTKVDKKVEPKSCDKTHT
;
H,A
2 'polypeptide(L)'
;DIQMTQSPSSLSASVGDRVTITCRASQSVSSAVAWYQQKPGKAPKLLIYSASSLYSGVPSRFSGSRSGTDFTLTISSLQP
EDFATYYCQQGYGWLITFGQGTKVEIKRTVAAPSVFIFPPSDSQLKSGTASVVCLLNNFYPREAKVQWKVDNALQSGNSQ
ESVTEQDSKDSTYSLSSTLTLSKADYEKHKVYACEVTHQGLSSPVTKSFNRGECG
;
L,B
3 'polypeptide(L)'
;PVYHKHTFIVLYVDFKPQSGGGKCFNCYPAGVNITLANFNETKGPLCVDTSHFTTKYVAVYANVGRWSASINTGNCPFSF
GKVNNFVKFGSVCFSLKDIPGGCAMPIVANWAYSKYYTIGSLYVSWSDGDGITGVPQPVEGVENLYFQ
;
E,C
#
# COMPACT_ATOMS: atom_id res chain seq x y z
N VAL A 2 17.75 -7.21 6.26
CA VAL A 2 16.99 -8.26 6.91
C VAL A 2 16.87 -9.48 6.01
N GLN A 3 17.79 -10.43 6.16
CA GLN A 3 17.93 -11.52 5.21
C GLN A 3 18.31 -12.82 5.92
N LEU A 4 18.10 -13.94 5.21
CA LEU A 4 18.40 -15.26 5.72
C LEU A 4 19.36 -15.98 4.78
N VAL A 5 20.11 -16.93 5.33
CA VAL A 5 21.09 -17.67 4.55
C VAL A 5 21.10 -19.13 5.00
N GLU A 6 20.89 -20.05 4.05
CA GLU A 6 21.10 -21.46 4.34
C GLU A 6 22.58 -21.79 4.15
N SER A 7 23.09 -22.66 5.00
CA SER A 7 24.51 -22.99 4.97
C SER A 7 24.70 -24.43 5.41
N GLY A 8 25.77 -25.03 4.92
CA GLY A 8 26.10 -26.41 5.23
C GLY A 8 25.46 -27.39 4.30
N GLY A 9 25.04 -26.96 3.12
CA GLY A 9 24.44 -27.85 2.14
C GLY A 9 25.50 -28.48 1.26
N GLY A 10 25.34 -29.78 1.04
CA GLY A 10 26.29 -30.52 0.24
C GLY A 10 25.82 -31.94 0.01
N LEU A 11 26.76 -32.88 0.08
CA LEU A 11 26.48 -34.29 -0.11
C LEU A 11 26.89 -35.07 1.13
N VAL A 12 26.13 -36.13 1.42
CA VAL A 12 26.48 -37.09 2.46
C VAL A 12 26.03 -38.46 1.98
N GLN A 13 26.73 -39.47 2.42
CA GLN A 13 26.38 -40.81 1.97
C GLN A 13 25.23 -41.36 2.80
N PRO A 14 24.40 -42.22 2.22
CA PRO A 14 23.28 -42.79 2.95
C PRO A 14 23.68 -43.36 4.30
N GLY A 15 22.81 -43.15 5.29
CA GLY A 15 23.09 -43.46 6.68
C GLY A 15 23.87 -42.42 7.42
N GLY A 16 24.50 -41.48 6.71
CA GLY A 16 25.19 -40.39 7.36
C GLY A 16 24.22 -39.42 8.01
N SER A 17 24.77 -38.58 8.88
CA SER A 17 23.99 -37.57 9.58
C SER A 17 24.67 -36.23 9.43
N LEU A 18 23.86 -35.16 9.37
CA LEU A 18 24.45 -33.85 9.15
C LEU A 18 23.55 -32.78 9.75
N ARG A 19 24.12 -31.59 9.93
CA ARG A 19 23.42 -30.47 10.55
C ARG A 19 23.53 -29.26 9.64
N LEU A 20 22.43 -28.50 9.54
CA LEU A 20 22.27 -27.35 8.65
C LEU A 20 22.15 -26.06 9.44
N SER A 21 22.69 -24.98 8.85
CA SER A 21 22.80 -23.67 9.48
C SER A 21 21.88 -22.70 8.77
N CYS A 22 21.08 -21.98 9.55
CA CYS A 22 20.20 -20.92 9.06
C CYS A 22 20.65 -19.62 9.72
N ALA A 23 21.39 -18.83 8.96
CA ALA A 23 21.84 -17.51 9.41
C ALA A 23 20.74 -16.48 9.25
N ALA A 24 20.67 -15.55 10.19
CA ALA A 24 19.64 -14.53 10.21
C ALA A 24 20.27 -13.16 10.36
N SER A 25 19.66 -12.18 9.70
CA SER A 25 20.08 -10.79 9.81
C SER A 25 18.84 -9.93 9.89
N GLY A 26 18.80 -9.04 10.89
CA GLY A 26 17.74 -8.05 11.02
C GLY A 26 16.83 -8.23 12.21
N PHE A 27 16.72 -9.45 12.75
CA PHE A 27 15.76 -9.71 13.82
C PHE A 27 16.27 -10.79 14.76
N ASN A 28 15.82 -10.71 16.02
CA ASN A 28 16.11 -11.75 17.01
C ASN A 28 15.23 -12.97 16.72
N ILE A 29 15.86 -14.13 16.53
CA ILE A 29 15.12 -15.33 16.12
C ILE A 29 14.11 -15.74 17.16
N SER A 30 14.31 -15.34 18.42
CA SER A 30 13.40 -15.75 19.48
C SER A 30 11.99 -15.22 19.25
N SER A 31 11.87 -14.07 18.59
CA SER A 31 10.59 -13.36 18.48
C SER A 31 9.66 -13.96 17.43
N SER A 32 10.16 -14.77 16.50
CA SER A 32 9.35 -15.31 15.42
C SER A 32 9.49 -16.82 15.33
N TYR A 33 8.44 -17.45 14.78
CA TYR A 33 8.53 -18.85 14.38
C TYR A 33 9.58 -18.99 13.29
N ILE A 34 10.23 -20.15 13.26
CA ILE A 34 11.16 -20.44 12.19
C ILE A 34 10.88 -21.83 11.64
N HIS A 35 10.74 -21.94 10.33
CA HIS A 35 10.41 -23.20 9.68
C HIS A 35 11.53 -23.63 8.73
N TRP A 36 11.57 -24.94 8.48
CA TRP A 36 12.39 -25.53 7.42
C TRP A 36 11.49 -26.24 6.41
N VAL A 37 11.73 -26.01 5.11
CA VAL A 37 10.96 -26.63 4.04
C VAL A 37 11.92 -27.25 3.02
N ARG A 38 11.62 -28.47 2.60
CA ARG A 38 12.35 -29.17 1.55
C ARG A 38 11.58 -29.09 0.23
N GLN A 39 12.34 -29.03 -0.86
CA GLN A 39 11.82 -29.05 -2.22
C GLN A 39 12.41 -30.27 -2.90
N ALA A 40 11.57 -31.26 -3.12
CA ALA A 40 11.93 -32.42 -3.92
C ALA A 40 12.26 -31.99 -5.34
N PRO A 41 13.30 -32.57 -5.96
CA PRO A 41 13.70 -32.17 -7.30
C PRO A 41 12.55 -32.28 -8.29
N GLY A 42 12.20 -31.15 -8.90
CA GLY A 42 11.09 -31.08 -9.85
C GLY A 42 9.78 -31.58 -9.29
N LYS A 43 9.60 -31.46 -7.98
CA LYS A 43 8.37 -31.90 -7.34
C LYS A 43 7.92 -30.83 -6.36
N GLY A 44 6.76 -31.08 -5.76
CA GLY A 44 6.18 -30.13 -4.82
C GLY A 44 6.89 -30.10 -3.49
N LEU A 45 6.85 -28.93 -2.86
CA LEU A 45 7.34 -28.75 -1.49
C LEU A 45 6.38 -29.33 -0.46
N GLU A 46 6.93 -29.72 0.70
CA GLU A 46 6.15 -30.20 1.84
C GLU A 46 6.78 -29.67 3.13
N TRP A 47 5.93 -29.43 4.12
CA TRP A 47 6.39 -28.87 5.39
C TRP A 47 7.15 -29.91 6.20
N VAL A 48 8.22 -29.46 6.85
CA VAL A 48 9.08 -30.34 7.64
C VAL A 48 8.81 -30.10 9.11
N ALA A 49 9.16 -28.91 9.60
CA ALA A 49 9.02 -28.61 11.02
C ALA A 49 9.30 -27.13 11.25
N SER A 50 8.85 -26.66 12.41
CA SER A 50 9.08 -25.31 12.87
C SER A 50 9.44 -25.34 14.34
N ILE A 51 10.11 -24.28 14.77
CA ILE A 51 10.58 -24.15 16.15
C ILE A 51 10.44 -22.69 16.55
N TYR A 52 9.95 -22.49 17.77
CA TYR A 52 9.94 -21.18 18.43
C TYR A 52 10.99 -21.20 19.53
N SER A 53 12.02 -20.38 19.37
CA SER A 53 13.16 -20.41 20.28
C SER A 53 12.77 -20.06 21.70
N SER A 54 11.99 -18.99 21.88
CA SER A 54 11.68 -18.49 23.22
C SER A 54 11.02 -19.56 24.08
N TYR A 55 9.89 -20.10 23.61
CA TYR A 55 9.18 -21.16 24.34
C TYR A 55 9.62 -22.54 23.92
N GLY A 56 10.76 -22.65 23.22
CA GLY A 56 11.30 -23.95 22.85
C GLY A 56 10.26 -24.90 22.29
N TYR A 57 9.35 -24.38 21.47
CA TYR A 57 8.30 -25.22 20.89
C TYR A 57 8.87 -25.93 19.67
N THR A 58 8.89 -27.26 19.73
CA THR A 58 9.25 -28.12 18.61
C THR A 58 7.99 -28.67 17.98
N TYR A 59 7.71 -28.30 16.73
CA TYR A 59 6.59 -28.87 15.99
C TYR A 59 7.12 -29.49 14.70
N TYR A 60 6.93 -30.80 14.55
CA TYR A 60 7.39 -31.53 13.37
C TYR A 60 6.20 -32.04 12.58
N ALA A 61 6.49 -32.53 11.37
CA ALA A 61 5.50 -33.09 10.47
C ALA A 61 5.38 -34.59 10.68
N ASP A 62 4.22 -35.12 10.28
CA ASP A 62 4.00 -36.55 10.36
C ASP A 62 5.06 -37.32 9.60
N SER A 63 5.69 -36.66 8.62
CA SER A 63 6.67 -37.32 7.76
C SER A 63 7.89 -37.83 8.54
N VAL A 64 8.44 -36.99 9.42
CA VAL A 64 9.75 -37.31 10.01
C VAL A 64 9.85 -36.97 11.50
N LYS A 65 9.07 -37.65 12.33
CA LYS A 65 9.11 -37.39 13.76
C LYS A 65 10.52 -37.47 14.31
N GLY A 66 11.09 -38.67 14.31
CA GLY A 66 12.41 -38.92 14.87
C GLY A 66 13.55 -38.70 13.91
N ARG A 67 13.27 -38.78 12.62
CA ARG A 67 14.33 -38.85 11.62
C ARG A 67 15.19 -37.59 11.67
N PHE A 68 14.57 -36.43 11.73
CA PHE A 68 15.25 -35.16 11.89
C PHE A 68 14.87 -34.57 13.24
N THR A 69 15.55 -33.48 13.61
CA THR A 69 15.21 -32.67 14.77
C THR A 69 15.66 -31.24 14.48
N ILE A 70 14.97 -30.27 15.10
CA ILE A 70 15.24 -28.85 14.89
C ILE A 70 15.76 -28.22 16.17
N SER A 71 16.55 -27.16 16.02
CA SER A 71 17.05 -26.41 17.16
C SER A 71 17.43 -25.01 16.66
N ALA A 72 17.93 -24.19 17.58
CA ALA A 72 18.44 -22.86 17.26
C ALA A 72 19.12 -22.31 18.50
N ASP A 73 20.18 -21.52 18.26
CA ASP A 73 20.90 -20.86 19.35
C ASP A 73 20.69 -19.35 19.28
N THR A 74 20.26 -18.79 20.42
CA THR A 74 19.95 -17.36 20.52
C THR A 74 21.22 -16.52 20.48
N SER A 75 22.24 -16.92 21.22
CA SER A 75 23.52 -16.21 21.13
C SER A 75 24.05 -16.27 19.70
N LYS A 76 23.95 -17.44 19.07
CA LYS A 76 24.25 -17.54 17.65
C LYS A 76 23.31 -16.69 16.82
N ASN A 77 22.10 -16.47 17.33
CA ASN A 77 21.04 -15.81 16.57
C ASN A 77 20.80 -16.57 15.27
N THR A 78 20.85 -17.91 15.36
CA THR A 78 20.88 -18.75 14.18
C THR A 78 20.27 -20.13 14.47
N ALA A 79 19.58 -20.67 13.47
CA ALA A 79 18.80 -21.89 13.62
C ALA A 79 19.53 -23.10 13.03
N TYR A 80 19.39 -24.24 13.68
CA TYR A 80 20.01 -25.48 13.24
C TYR A 80 18.96 -26.55 12.91
N LEU A 81 19.38 -27.48 12.04
CA LEU A 81 18.56 -28.62 11.65
C LEU A 81 19.44 -29.86 11.58
N GLN A 82 19.29 -30.79 12.54
CA GLN A 82 20.05 -32.04 12.56
C GLN A 82 19.26 -33.17 11.95
N MET A 83 19.91 -33.98 11.10
CA MET A 83 19.24 -35.07 10.40
C MET A 83 20.07 -36.35 10.52
N ASN A 84 19.38 -37.49 10.57
CA ASN A 84 20.03 -38.79 10.70
C ASN A 84 19.34 -39.82 9.82
N SER A 85 20.10 -40.88 9.49
CA SER A 85 19.62 -42.02 8.71
C SER A 85 18.83 -41.55 7.49
N LEU A 86 19.52 -40.75 6.67
CA LEU A 86 18.88 -40.15 5.51
C LEU A 86 18.53 -41.20 4.46
N ARG A 87 17.40 -40.99 3.80
CA ARG A 87 16.86 -41.93 2.82
C ARG A 87 16.77 -41.24 1.46
N ALA A 88 16.47 -42.03 0.44
CA ALA A 88 16.47 -41.53 -0.93
C ALA A 88 15.43 -40.44 -1.14
N GLU A 89 14.26 -40.59 -0.52
CA GLU A 89 13.25 -39.55 -0.63
C GLU A 89 13.73 -38.24 -0.04
N ASP A 90 14.62 -38.29 0.96
CA ASP A 90 15.05 -37.07 1.64
C ASP A 90 15.80 -36.11 0.73
N THR A 91 16.57 -36.64 -0.23
CA THR A 91 17.33 -35.81 -1.18
C THR A 91 16.52 -34.64 -1.71
N ALA A 92 16.87 -33.41 -1.32
CA ALA A 92 16.07 -32.25 -1.69
C ALA A 92 16.86 -30.97 -1.47
N VAL A 93 16.26 -29.86 -1.91
CA VAL A 93 16.73 -28.53 -1.55
C VAL A 93 16.13 -28.17 -0.20
N TYR A 94 16.91 -27.51 0.64
CA TYR A 94 16.48 -27.16 1.99
C TYR A 94 16.57 -25.66 2.20
N TYR A 95 15.40 -25.05 2.48
CA TYR A 95 15.24 -23.64 2.79
C TYR A 95 14.78 -23.46 4.24
N CYS A 96 15.40 -22.52 4.95
CA CYS A 96 14.86 -22.02 6.21
C CYS A 96 14.14 -20.70 5.99
N ALA A 97 13.16 -20.40 6.84
CA ALA A 97 12.38 -19.19 6.60
C ALA A 97 11.58 -18.79 7.84
N ARG A 98 11.10 -17.55 7.84
CA ARG A 98 10.45 -16.88 8.96
C ARG A 98 8.94 -16.75 8.78
N TRP A 99 8.24 -16.42 9.88
CA TRP A 99 6.78 -16.27 9.91
C TRP A 99 6.37 -15.00 10.66
N TRP A 100 5.34 -14.30 10.15
CA TRP A 100 4.81 -13.09 10.78
C TRP A 100 3.30 -12.97 10.66
N ALA A 101 2.67 -12.37 11.69
CA ALA A 101 1.23 -12.09 11.72
C ALA A 101 1.03 -10.64 12.21
N SER A 102 0.17 -9.87 11.53
CA SER A 102 -0.20 -8.55 12.05
C SER A 102 -1.17 -8.66 13.22
N VAL A 103 -2.10 -9.61 13.13
CA VAL A 103 -2.96 -9.92 14.25
C VAL A 103 -2.13 -10.39 15.44
N GLY A 104 -1.08 -11.15 15.17
CA GLY A 104 -0.24 -11.65 16.23
C GLY A 104 -0.50 -13.10 16.57
N GLY A 105 -1.55 -13.35 17.36
CA GLY A 105 -1.80 -14.70 17.83
C GLY A 105 -2.01 -15.73 16.74
N ALA A 106 -2.70 -15.35 15.67
CA ALA A 106 -3.16 -16.37 14.73
C ALA A 106 -2.64 -16.19 13.31
N GLY A 107 -3.54 -16.33 12.34
CA GLY A 107 -3.27 -16.25 10.92
C GLY A 107 -2.11 -15.40 10.44
N GLY A 108 -1.16 -16.04 9.76
CA GLY A 108 0.07 -15.39 9.33
C GLY A 108 0.60 -15.88 8.01
N GLY A 109 1.90 -15.68 7.80
CA GLY A 109 2.52 -16.05 6.54
C GLY A 109 4.03 -16.14 6.69
N LEU A 110 4.66 -16.62 5.62
CA LEU A 110 6.11 -16.71 5.51
C LEU A 110 6.59 -15.61 4.58
N ASP A 111 7.29 -14.62 5.16
CA ASP A 111 7.69 -13.40 4.47
C ASP A 111 9.07 -13.48 3.79
N TYR A 112 10.11 -13.85 4.52
CA TYR A 112 11.48 -13.80 4.02
C TYR A 112 12.04 -15.21 3.85
N TRP A 113 12.80 -15.40 2.77
CA TRP A 113 13.46 -16.66 2.50
C TRP A 113 14.96 -16.46 2.36
N GLY A 114 15.71 -17.51 2.72
CA GLY A 114 17.09 -17.60 2.37
C GLY A 114 17.25 -18.12 0.94
N GLN A 115 18.50 -18.13 0.47
CA GLN A 115 18.77 -18.61 -0.88
C GLN A 115 18.51 -20.11 -1.02
N GLY A 116 18.63 -20.87 0.06
CA GLY A 116 18.35 -22.29 0.02
C GLY A 116 19.56 -23.09 -0.44
N THR A 117 19.80 -24.25 0.18
CA THR A 117 20.96 -25.05 -0.20
C THR A 117 20.51 -26.43 -0.62
N LEU A 118 21.38 -27.15 -1.32
CA LEU A 118 21.05 -28.46 -1.86
C LEU A 118 21.71 -29.55 -1.04
N VAL A 119 20.97 -30.62 -0.73
CA VAL A 119 21.54 -31.76 -0.03
C VAL A 119 21.28 -33.03 -0.83
N THR A 120 22.35 -33.81 -1.04
CA THR A 120 22.33 -35.05 -1.82
C THR A 120 22.78 -36.23 -0.96
N VAL A 121 22.13 -37.38 -1.15
CA VAL A 121 22.51 -38.61 -0.47
C VAL A 121 22.81 -39.66 -1.52
N SER A 122 24.10 -39.96 -1.73
CA SER A 122 24.51 -40.97 -2.69
C SER A 122 25.92 -41.41 -2.35
N SER A 123 26.29 -42.60 -2.81
CA SER A 123 27.60 -43.15 -2.48
C SER A 123 28.74 -42.47 -3.22
N ALA A 124 28.50 -41.93 -4.42
CA ALA A 124 29.61 -41.32 -5.16
C ALA A 124 30.11 -40.07 -4.43
N SER A 125 31.42 -39.99 -4.21
CA SER A 125 32.01 -38.86 -3.51
C SER A 125 32.19 -37.68 -4.45
N THR A 126 32.49 -36.53 -3.85
CA THR A 126 32.71 -35.31 -4.61
C THR A 126 33.72 -35.51 -5.74
N LYS A 127 33.45 -34.85 -6.87
CA LYS A 127 34.29 -34.95 -8.05
C LYS A 127 34.36 -33.58 -8.70
N GLY A 128 35.54 -33.24 -9.24
CA GLY A 128 35.75 -31.93 -9.82
C GLY A 128 35.56 -31.84 -11.31
N PRO A 129 34.87 -30.78 -11.73
CA PRO A 129 34.68 -30.51 -13.17
C PRO A 129 35.89 -29.83 -13.80
N SER A 130 35.96 -30.00 -15.12
CA SER A 130 36.88 -29.26 -15.97
C SER A 130 36.08 -28.33 -16.87
N VAL A 131 36.59 -27.12 -17.08
CA VAL A 131 35.87 -26.08 -17.82
C VAL A 131 36.52 -25.94 -19.18
N PHE A 132 35.70 -25.96 -20.23
CA PHE A 132 36.22 -25.76 -21.57
C PHE A 132 35.33 -24.78 -22.32
N PRO A 133 35.91 -23.97 -23.20
CA PRO A 133 35.15 -22.85 -23.77
C PRO A 133 34.35 -23.20 -25.01
N LEU A 134 33.14 -22.65 -25.09
CA LEU A 134 32.39 -22.57 -26.33
C LEU A 134 32.80 -21.25 -26.97
N ALA A 135 33.45 -21.34 -28.12
CA ALA A 135 34.23 -20.30 -28.74
C ALA A 135 33.42 -19.53 -29.75
N PRO A 136 33.83 -18.30 -30.07
CA PRO A 136 33.12 -17.50 -31.07
C PRO A 136 32.83 -18.27 -32.35
N SER A 137 31.54 -18.40 -32.65
CA SER A 137 31.07 -19.22 -33.75
C SER A 137 31.28 -18.50 -35.08
N SER A 138 30.78 -19.09 -36.15
CA SER A 138 30.70 -18.45 -37.46
C SER A 138 29.22 -18.32 -37.83
N LYS A 139 28.77 -17.09 -38.05
CA LYS A 139 27.37 -16.81 -38.41
C LYS A 139 27.23 -16.05 -39.76
N GLY A 144 23.78 -9.39 -38.02
CA GLY A 144 23.73 -10.75 -37.50
C GLY A 144 24.21 -10.48 -36.12
N THR A 145 24.28 -11.50 -35.28
CA THR A 145 24.66 -11.21 -33.92
C THR A 145 25.81 -12.11 -33.43
N ALA A 146 25.52 -13.40 -33.31
CA ALA A 146 26.41 -14.45 -32.79
C ALA A 146 26.54 -14.43 -31.27
N ALA A 147 27.01 -15.55 -30.72
CA ALA A 147 27.03 -15.75 -29.27
C ALA A 147 28.14 -16.73 -28.90
N LEU A 148 28.41 -16.82 -27.59
CA LEU A 148 29.50 -17.68 -27.12
C LEU A 148 29.18 -18.13 -25.69
N GLY A 149 30.02 -19.01 -25.13
CA GLY A 149 29.67 -19.57 -23.83
C GLY A 149 30.77 -20.36 -23.17
N CYS A 150 30.47 -20.82 -21.95
CA CYS A 150 31.34 -21.71 -21.18
C CYS A 150 30.67 -23.05 -20.96
N LEU A 151 31.46 -24.12 -21.03
CA LEU A 151 30.96 -25.48 -20.89
C LEU A 151 31.62 -26.21 -19.73
N VAL A 152 30.79 -26.93 -18.97
CA VAL A 152 31.19 -27.69 -17.80
C VAL A 152 30.83 -29.16 -17.99
N LYS A 153 31.75 -30.07 -17.65
CA LYS A 153 31.51 -31.50 -17.79
C LYS A 153 32.08 -32.29 -16.61
N ASP A 154 31.55 -33.51 -16.43
CA ASP A 154 32.05 -34.54 -15.50
C ASP A 154 32.25 -34.01 -14.07
N TYR A 155 31.16 -33.48 -13.50
CA TYR A 155 31.14 -33.08 -12.11
C TYR A 155 30.04 -33.83 -11.36
N PHE A 156 30.27 -34.08 -10.06
CA PHE A 156 29.25 -34.70 -9.23
C PHE A 156 29.52 -34.29 -7.79
N PRO A 157 28.47 -33.95 -7.01
CA PRO A 157 27.08 -33.71 -7.42
C PRO A 157 26.72 -32.23 -7.53
N GLU A 158 25.52 -31.94 -8.07
CA GLU A 158 24.96 -30.60 -8.18
C GLU A 158 24.91 -29.96 -6.79
N PRO A 159 25.03 -28.63 -6.68
CA PRO A 159 24.99 -27.59 -7.71
C PRO A 159 26.35 -27.06 -8.20
N VAL A 160 26.27 -26.13 -9.14
CA VAL A 160 27.42 -25.39 -9.67
C VAL A 160 27.03 -23.93 -9.83
N THR A 161 27.97 -23.03 -9.55
CA THR A 161 27.74 -21.60 -9.65
C THR A 161 28.45 -21.09 -10.91
N VAL A 162 27.69 -20.42 -11.78
CA VAL A 162 28.19 -19.87 -13.02
C VAL A 162 28.07 -18.34 -12.95
N SER A 163 29.13 -17.65 -13.39
CA SER A 163 29.12 -16.20 -13.44
C SER A 163 29.81 -15.74 -14.71
N TRP A 164 29.51 -14.51 -15.12
CA TRP A 164 30.18 -13.88 -16.24
C TRP A 164 30.69 -12.51 -15.87
N ASN A 165 31.99 -12.28 -16.11
CA ASN A 165 32.66 -11.02 -15.75
C ASN A 165 32.25 -10.57 -14.36
N SER A 166 32.26 -11.51 -13.42
CA SER A 166 32.01 -11.23 -12.01
C SER A 166 30.57 -10.76 -11.81
N GLY A 167 29.66 -11.39 -12.56
CA GLY A 167 28.26 -11.06 -12.68
C GLY A 167 27.92 -9.72 -13.31
N ALA A 168 28.88 -9.07 -13.98
CA ALA A 168 28.56 -7.83 -14.68
C ALA A 168 27.59 -8.08 -15.83
N LEU A 169 27.51 -9.32 -16.30
CA LEU A 169 26.63 -9.70 -17.39
C LEU A 169 25.33 -10.27 -16.84
N THR A 170 24.23 -9.94 -17.51
CA THR A 170 22.88 -10.27 -17.05
C THR A 170 22.00 -10.68 -18.22
N SER A 171 21.36 -9.70 -18.87
CA SER A 171 20.50 -9.98 -20.02
C SER A 171 21.27 -10.74 -21.09
N GLY A 172 20.69 -11.87 -21.51
CA GLY A 172 21.27 -12.78 -22.48
C GLY A 172 21.96 -13.98 -21.88
N VAL A 173 22.20 -13.98 -20.56
CA VAL A 173 22.70 -15.17 -19.90
C VAL A 173 21.67 -16.27 -20.05
N HIS A 174 22.13 -17.46 -20.41
CA HIS A 174 21.24 -18.61 -20.40
C HIS A 174 22.07 -19.75 -19.82
N THR A 175 21.95 -19.91 -18.51
CA THR A 175 22.62 -20.99 -17.81
C THR A 175 21.66 -22.16 -17.86
N PHE A 176 21.96 -23.13 -18.71
CA PHE A 176 21.02 -24.19 -18.94
C PHE A 176 20.93 -25.07 -17.70
N PRO A 177 19.80 -25.76 -17.51
CA PRO A 177 19.68 -26.66 -16.37
C PRO A 177 20.73 -27.75 -16.51
N ALA A 178 20.98 -28.44 -15.41
CA ALA A 178 21.98 -29.48 -15.48
C ALA A 178 21.40 -30.67 -16.23
N VAL A 179 22.29 -31.50 -16.76
CA VAL A 179 21.90 -32.71 -17.45
C VAL A 179 22.73 -33.84 -16.86
N LEU A 180 22.15 -35.02 -16.79
CA LEU A 180 22.84 -36.16 -16.21
C LEU A 180 23.43 -37.00 -17.33
N GLN A 181 24.74 -37.18 -17.29
CA GLN A 181 25.47 -37.92 -18.30
C GLN A 181 25.26 -39.42 -18.18
N SER A 182 25.61 -40.12 -19.27
CA SER A 182 25.63 -41.58 -19.25
C SER A 182 26.51 -42.11 -18.13
N SER A 183 27.65 -41.45 -17.88
CA SER A 183 28.57 -41.92 -16.85
C SER A 183 27.93 -41.90 -15.47
N GLY A 184 27.20 -40.83 -15.14
CA GLY A 184 26.62 -40.69 -13.82
C GLY A 184 27.11 -39.39 -13.24
N LEU A 185 27.38 -38.45 -14.12
CA LEU A 185 27.90 -37.14 -13.78
C LEU A 185 26.94 -36.10 -14.33
N TYR A 186 27.10 -34.87 -13.86
CA TYR A 186 26.28 -33.78 -14.36
C TYR A 186 27.06 -32.98 -15.38
N SER A 187 26.36 -32.50 -16.40
CA SER A 187 26.97 -31.72 -17.47
C SER A 187 25.94 -30.71 -17.91
N LEU A 188 26.31 -29.43 -17.83
CA LEU A 188 25.46 -28.35 -18.26
C LEU A 188 26.33 -27.35 -18.99
N SER A 189 25.67 -26.34 -19.53
CA SER A 189 26.33 -25.35 -20.34
C SER A 189 25.71 -24.00 -20.02
N SER A 190 26.56 -22.97 -19.98
CA SER A 190 26.03 -21.64 -19.81
C SER A 190 26.57 -20.79 -20.95
N VAL A 191 25.80 -19.80 -21.35
CA VAL A 191 26.07 -19.09 -22.59
C VAL A 191 25.57 -17.65 -22.47
N VAL A 192 25.90 -16.85 -23.48
CA VAL A 192 25.38 -15.50 -23.59
C VAL A 192 25.44 -15.05 -25.05
N THR A 193 24.33 -14.42 -25.48
CA THR A 193 24.19 -13.81 -26.79
C THR A 193 24.90 -12.45 -26.83
N VAL A 194 25.67 -12.18 -27.87
CA VAL A 194 26.40 -10.92 -27.93
C VAL A 194 26.21 -10.29 -29.30
N PRO A 195 26.58 -9.03 -29.50
CA PRO A 195 26.54 -8.46 -30.84
C PRO A 195 27.79 -8.87 -31.63
N SER A 196 27.83 -8.44 -32.89
CA SER A 196 28.99 -8.72 -33.72
C SER A 196 30.17 -7.83 -33.37
N SER A 197 29.92 -6.59 -33.01
CA SER A 197 31.02 -5.63 -32.88
C SER A 197 31.79 -5.83 -31.58
N SER A 198 31.08 -6.04 -30.47
CA SER A 198 31.68 -6.21 -29.16
C SER A 198 32.87 -7.16 -29.15
N LEU A 199 32.84 -8.12 -30.08
CA LEU A 199 33.84 -9.19 -30.08
C LEU A 199 35.26 -8.63 -30.17
N GLY A 200 35.46 -7.57 -30.93
CA GLY A 200 36.80 -7.07 -31.10
C GLY A 200 37.50 -6.70 -29.80
N THR A 201 36.88 -5.78 -29.05
CA THR A 201 37.43 -5.27 -27.80
C THR A 201 37.08 -6.11 -26.57
N GLN A 202 35.82 -6.53 -26.44
CA GLN A 202 35.32 -7.12 -25.19
C GLN A 202 36.16 -8.29 -24.70
N THR A 203 36.24 -8.37 -23.36
CA THR A 203 36.91 -9.43 -22.63
C THR A 203 35.81 -10.13 -21.85
N TYR A 204 35.61 -11.41 -22.12
CA TYR A 204 34.53 -12.18 -21.51
C TYR A 204 35.14 -13.34 -20.76
N ILE A 205 34.86 -13.41 -19.47
CA ILE A 205 35.34 -14.46 -18.58
C ILE A 205 34.19 -15.04 -17.80
N CYS A 206 34.14 -16.37 -17.72
CA CYS A 206 33.15 -17.09 -16.94
C CYS A 206 33.73 -17.54 -15.60
N ASN A 207 33.20 -16.96 -14.52
CA ASN A 207 33.50 -17.38 -13.15
C ASN A 207 32.60 -18.56 -12.80
N VAL A 208 33.18 -19.64 -12.26
CA VAL A 208 32.46 -20.86 -11.91
C VAL A 208 32.96 -21.40 -10.57
N ASN A 209 32.03 -21.81 -9.70
CA ASN A 209 32.36 -22.44 -8.41
C ASN A 209 31.56 -23.72 -8.20
N HIS A 210 32.25 -24.80 -7.80
CA HIS A 210 31.62 -26.09 -7.47
C HIS A 210 31.84 -26.42 -6.00
N LYS A 211 30.76 -26.37 -5.20
CA LYS A 211 30.90 -26.57 -3.76
C LYS A 211 31.53 -27.89 -3.32
N PRO A 212 31.18 -29.07 -3.87
CA PRO A 212 31.84 -30.30 -3.42
C PRO A 212 33.30 -30.43 -3.82
N SER A 213 33.73 -29.74 -4.86
CA SER A 213 35.13 -29.77 -5.25
C SER A 213 35.94 -28.65 -4.60
N ASN A 214 35.27 -27.66 -3.98
CA ASN A 214 35.92 -26.50 -3.37
C ASN A 214 36.78 -25.74 -4.39
N THR A 215 36.42 -25.83 -5.67
CA THR A 215 37.20 -25.28 -6.77
C THR A 215 36.43 -24.16 -7.47
N LYS A 216 37.12 -23.03 -7.67
CA LYS A 216 36.60 -21.84 -8.35
C LYS A 216 37.54 -21.47 -9.48
N VAL A 217 37.02 -21.39 -10.69
CA VAL A 217 37.81 -21.08 -11.88
C VAL A 217 37.18 -19.90 -12.59
N ASP A 218 38.01 -19.05 -13.17
CA ASP A 218 37.54 -17.90 -13.95
C ASP A 218 38.29 -18.00 -15.26
N LYS A 219 37.65 -18.54 -16.29
CA LYS A 219 38.33 -18.73 -17.56
C LYS A 219 37.80 -17.79 -18.64
N LYS A 220 38.76 -17.19 -19.36
CA LYS A 220 38.51 -16.27 -20.45
C LYS A 220 38.00 -17.04 -21.67
N VAL A 221 37.29 -16.33 -22.55
CA VAL A 221 36.74 -16.91 -23.77
C VAL A 221 37.17 -16.03 -24.92
N GLU A 222 37.81 -16.64 -25.90
CA GLU A 222 38.41 -15.91 -27.02
C GLU A 222 38.26 -16.75 -28.28
N PRO A 223 38.32 -16.12 -29.46
CA PRO A 223 38.25 -16.86 -30.73
C PRO A 223 39.53 -17.60 -31.09
N ASP B 1 -4.77 -33.83 10.14
CA ASP B 1 -6.08 -34.25 9.66
C ASP B 1 -6.68 -33.19 8.73
N ILE B 2 -5.82 -32.35 8.16
CA ILE B 2 -6.23 -31.29 7.24
C ILE B 2 -5.18 -31.18 6.14
N GLN B 3 -5.65 -30.99 4.91
CA GLN B 3 -4.77 -30.81 3.76
C GLN B 3 -5.50 -29.91 2.75
N MET B 4 -4.94 -29.79 1.54
CA MET B 4 -5.55 -29.03 0.46
C MET B 4 -5.21 -29.62 -0.90
N THR B 5 -6.14 -29.47 -1.85
CA THR B 5 -5.97 -29.92 -3.23
C THR B 5 -5.94 -28.71 -4.16
N GLN B 6 -4.85 -28.58 -4.90
CA GLN B 6 -4.60 -27.42 -5.74
C GLN B 6 -4.94 -27.73 -7.19
N SER B 7 -5.83 -26.93 -7.78
CA SER B 7 -6.22 -27.08 -9.16
C SER B 7 -6.22 -25.72 -9.85
N PRO B 8 -5.75 -25.63 -11.10
CA PRO B 8 -5.30 -26.71 -11.97
C PRO B 8 -3.89 -27.17 -11.66
N SER B 9 -3.44 -28.20 -12.37
CA SER B 9 -2.05 -28.61 -12.26
C SER B 9 -1.12 -27.65 -13.01
N SER B 10 -1.50 -27.24 -14.22
CA SER B 10 -0.67 -26.36 -15.03
C SER B 10 -1.57 -25.67 -16.05
N LEU B 11 -1.14 -24.49 -16.51
CA LEU B 11 -1.94 -23.77 -17.48
C LEU B 11 -1.07 -22.80 -18.28
N SER B 12 -1.59 -22.41 -19.44
CA SER B 12 -1.07 -21.30 -20.21
C SER B 12 -2.23 -20.36 -20.55
N ALA B 13 -1.90 -19.13 -20.92
CA ALA B 13 -2.92 -18.12 -21.20
C ALA B 13 -2.25 -16.96 -21.93
N SER B 14 -3.09 -16.10 -22.51
CA SER B 14 -2.58 -14.93 -23.20
C SER B 14 -2.13 -13.87 -22.17
N VAL B 15 -1.41 -12.86 -22.66
CA VAL B 15 -0.82 -11.87 -21.78
C VAL B 15 -1.87 -10.86 -21.38
N GLY B 16 -1.94 -10.56 -20.09
CA GLY B 16 -2.92 -9.63 -19.56
C GLY B 16 -4.30 -10.22 -19.37
N ASP B 17 -4.48 -11.51 -19.58
CA ASP B 17 -5.77 -12.16 -19.35
C ASP B 17 -5.90 -12.62 -17.90
N ARG B 18 -7.13 -12.90 -17.50
CA ARG B 18 -7.43 -13.29 -16.12
C ARG B 18 -7.14 -14.76 -15.87
N VAL B 19 -6.48 -15.05 -14.76
CA VAL B 19 -6.12 -16.43 -14.45
C VAL B 19 -6.59 -16.77 -13.03
N THR B 20 -7.26 -17.90 -12.91
CA THR B 20 -7.83 -18.36 -11.66
C THR B 20 -7.13 -19.66 -11.27
N ILE B 21 -6.76 -19.75 -10.00
CA ILE B 21 -6.21 -20.95 -9.39
C ILE B 21 -6.97 -21.17 -8.10
N THR B 22 -7.33 -22.40 -7.80
CA THR B 22 -8.12 -22.68 -6.62
C THR B 22 -7.47 -23.80 -5.83
N CYS B 23 -7.77 -23.83 -4.55
CA CYS B 23 -7.44 -24.95 -3.68
C CYS B 23 -8.68 -25.30 -2.88
N ARG B 24 -9.09 -26.54 -2.95
CA ARG B 24 -10.20 -26.98 -2.13
C ARG B 24 -9.62 -27.53 -0.84
N ALA B 25 -10.14 -27.03 0.27
CA ALA B 25 -9.64 -27.40 1.59
C ALA B 25 -10.08 -28.82 1.92
N SER B 26 -9.13 -29.76 1.94
CA SER B 26 -9.48 -31.09 2.44
C SER B 26 -9.88 -30.89 3.89
N GLN B 27 -11.16 -31.07 4.18
CA GLN B 27 -11.75 -30.70 5.46
C GLN B 27 -11.61 -29.18 5.61
N SER B 28 -12.69 -28.42 5.37
CA SER B 28 -12.57 -26.97 5.23
C SER B 28 -12.09 -26.31 6.51
N VAL B 29 -11.54 -25.11 6.37
CA VAL B 29 -10.89 -24.44 7.49
C VAL B 29 -11.24 -22.96 7.56
N SER B 30 -10.40 -22.23 8.32
CA SER B 30 -10.48 -20.80 8.56
C SER B 30 -9.66 -19.97 7.57
N SER B 31 -9.10 -18.86 8.07
CA SER B 31 -8.37 -17.87 7.29
C SER B 31 -6.87 -18.16 7.19
N ALA B 32 -6.42 -19.39 7.46
CA ALA B 32 -5.00 -19.69 7.39
C ALA B 32 -4.48 -19.81 5.97
N VAL B 33 -5.27 -19.40 4.97
CA VAL B 33 -4.91 -19.63 3.58
C VAL B 33 -3.85 -18.62 3.17
N ALA B 34 -2.90 -19.06 2.35
CA ALA B 34 -1.83 -18.22 1.85
C ALA B 34 -1.39 -18.72 0.48
N TRP B 35 -1.03 -17.80 -0.41
CA TRP B 35 -0.50 -18.13 -1.73
C TRP B 35 0.93 -17.60 -1.87
N TYR B 36 1.80 -18.40 -2.51
CA TYR B 36 3.20 -18.06 -2.76
C TYR B 36 3.59 -18.30 -4.21
N GLN B 37 4.62 -17.54 -4.62
CA GLN B 37 5.20 -17.59 -5.95
C GLN B 37 6.66 -18.04 -5.87
N GLN B 38 7.04 -19.03 -6.68
CA GLN B 38 8.41 -19.51 -6.76
C GLN B 38 8.87 -19.46 -8.21
N LYS B 39 9.90 -18.69 -8.48
CA LYS B 39 10.50 -18.62 -9.80
C LYS B 39 11.44 -19.81 -10.00
N PRO B 40 11.72 -20.18 -11.26
CA PRO B 40 12.51 -21.40 -11.51
C PRO B 40 13.87 -21.33 -10.85
N GLY B 41 14.23 -22.41 -10.16
CA GLY B 41 15.51 -22.45 -9.46
C GLY B 41 15.74 -21.25 -8.58
N LYS B 42 14.68 -20.73 -7.98
CA LYS B 42 14.73 -19.51 -7.20
C LYS B 42 14.02 -19.68 -5.87
N ALA B 43 14.27 -18.73 -4.97
CA ALA B 43 13.65 -18.78 -3.67
C ALA B 43 12.15 -18.52 -3.80
N PRO B 44 11.31 -19.29 -3.08
CA PRO B 44 9.88 -19.00 -3.08
C PRO B 44 9.62 -17.62 -2.50
N LYS B 45 8.58 -16.97 -3.01
CA LYS B 45 8.27 -15.60 -2.65
C LYS B 45 6.86 -15.52 -2.10
N LEU B 46 6.67 -14.67 -1.09
CA LEU B 46 5.36 -14.51 -0.46
C LEU B 46 4.44 -13.67 -1.33
N LEU B 47 3.18 -14.10 -1.45
CA LEU B 47 2.19 -13.35 -2.21
C LEU B 47 1.07 -12.85 -1.31
N ILE B 48 0.25 -13.75 -0.76
CA ILE B 48 -0.96 -13.34 -0.06
C ILE B 48 -1.16 -14.21 1.18
N TYR B 49 -1.68 -13.61 2.25
CA TYR B 49 -2.10 -14.38 3.42
C TYR B 49 -3.55 -14.05 3.74
N SER B 50 -4.27 -15.09 4.20
CA SER B 50 -5.69 -15.00 4.51
C SER B 50 -6.50 -14.44 3.35
N ALA B 51 -6.04 -14.71 2.12
CA ALA B 51 -6.70 -14.27 0.89
C ALA B 51 -6.62 -12.76 0.70
N SER B 52 -6.80 -12.01 1.79
CA SER B 52 -6.99 -10.57 1.68
C SER B 52 -5.79 -9.76 2.15
N SER B 53 -4.70 -10.39 2.50
CA SER B 53 -3.55 -9.68 3.04
C SER B 53 -2.38 -9.78 2.09
N LEU B 54 -1.93 -8.62 1.59
CA LEU B 54 -0.86 -8.52 0.62
C LEU B 54 0.34 -7.86 1.29
N TYR B 55 1.47 -8.52 1.28
CA TYR B 55 2.66 -7.90 1.84
C TYR B 55 3.08 -6.70 0.98
N SER B 56 3.78 -5.75 1.60
CA SER B 56 4.30 -4.62 0.85
C SER B 56 5.24 -5.09 -0.24
N GLY B 57 5.17 -4.45 -1.39
CA GLY B 57 5.88 -4.89 -2.57
C GLY B 57 5.11 -5.85 -3.45
N VAL B 58 3.82 -6.00 -3.22
CA VAL B 58 2.95 -6.84 -4.04
C VAL B 58 2.19 -5.96 -5.02
N PRO B 59 2.20 -6.26 -6.32
CA PRO B 59 1.43 -5.45 -7.27
C PRO B 59 -0.06 -5.63 -7.06
N SER B 60 -0.79 -4.58 -7.43
CA SER B 60 -2.23 -4.53 -7.16
C SER B 60 -3.02 -5.63 -7.87
N ARG B 61 -2.59 -6.04 -9.07
CA ARG B 61 -3.38 -6.94 -9.92
C ARG B 61 -3.69 -8.28 -9.26
N PHE B 62 -2.84 -8.72 -8.35
CA PHE B 62 -3.06 -9.99 -7.68
C PHE B 62 -4.21 -9.86 -6.69
N SER B 63 -5.07 -10.88 -6.64
CA SER B 63 -6.20 -10.90 -5.73
C SER B 63 -6.37 -12.30 -5.16
N GLY B 64 -6.82 -12.35 -3.93
CA GLY B 64 -7.11 -13.61 -3.27
C GLY B 64 -8.47 -13.55 -2.62
N SER B 65 -9.21 -14.65 -2.72
CA SER B 65 -10.60 -14.66 -2.30
C SER B 65 -10.92 -16.01 -1.65
N ARG B 66 -12.03 -15.99 -0.92
CA ARG B 66 -12.55 -17.17 -0.22
C ARG B 66 -13.97 -17.41 -0.69
N SER B 67 -14.30 -18.67 -0.98
CA SER B 67 -15.65 -19.08 -1.26
C SER B 67 -15.79 -20.40 -0.51
N GLY B 68 -16.04 -20.29 0.81
CA GLY B 68 -16.16 -21.48 1.62
C GLY B 68 -14.88 -22.28 1.60
N THR B 69 -15.01 -23.58 1.33
CA THR B 69 -13.83 -24.44 1.21
C THR B 69 -12.95 -24.06 0.04
N ASP B 70 -13.53 -23.64 -1.07
CA ASP B 70 -12.71 -23.31 -2.23
C ASP B 70 -12.01 -21.97 -2.01
N PHE B 71 -10.71 -21.95 -2.19
CA PHE B 71 -9.92 -20.72 -2.07
C PHE B 71 -9.38 -20.35 -3.43
N THR B 72 -9.66 -19.13 -3.87
CA THR B 72 -9.30 -18.74 -5.23
C THR B 72 -8.21 -17.69 -5.17
N LEU B 73 -7.27 -17.81 -6.09
CA LEU B 73 -6.21 -16.85 -6.35
C LEU B 73 -6.38 -16.40 -7.78
N THR B 74 -6.53 -15.11 -7.99
CA THR B 74 -6.86 -14.58 -9.30
C THR B 74 -5.85 -13.51 -9.63
N ILE B 75 -5.17 -13.67 -10.76
CA ILE B 75 -4.34 -12.60 -11.29
C ILE B 75 -5.16 -11.96 -12.39
N SER B 76 -5.46 -10.68 -12.21
CA SER B 76 -6.33 -9.98 -13.15
C SER B 76 -5.72 -9.97 -14.54
N SER B 77 -4.49 -9.50 -14.66
CA SER B 77 -3.84 -9.38 -15.96
C SER B 77 -2.51 -10.10 -15.92
N LEU B 78 -2.36 -11.05 -16.84
CA LEU B 78 -1.14 -11.86 -16.94
C LEU B 78 0.04 -11.01 -17.36
N GLN B 79 1.10 -11.03 -16.55
CA GLN B 79 2.32 -10.33 -16.88
C GLN B 79 3.47 -11.32 -17.09
N PRO B 80 4.37 -11.06 -18.03
CA PRO B 80 5.41 -12.06 -18.35
C PRO B 80 6.30 -12.37 -17.15
N GLU B 81 6.65 -11.36 -16.37
CA GLU B 81 7.47 -11.57 -15.19
C GLU B 81 6.82 -12.52 -14.19
N ASP B 82 5.49 -12.68 -14.28
CA ASP B 82 4.77 -13.55 -13.37
C ASP B 82 5.09 -15.02 -13.59
N PHE B 83 5.57 -15.38 -14.79
CA PHE B 83 5.82 -16.77 -15.11
C PHE B 83 6.62 -17.44 -14.00
N ALA B 84 6.04 -18.49 -13.42
CA ALA B 84 6.69 -19.29 -12.40
C ALA B 84 5.78 -20.41 -11.93
N THR B 85 6.17 -21.08 -10.85
CA THR B 85 5.32 -22.03 -10.18
C THR B 85 4.63 -21.29 -9.06
N TYR B 86 3.37 -21.64 -8.80
CA TYR B 86 2.58 -21.02 -7.73
C TYR B 86 1.97 -22.10 -6.86
N TYR B 87 2.05 -21.93 -5.54
CA TYR B 87 1.58 -22.93 -4.58
C TYR B 87 0.69 -22.28 -3.52
N CYS B 88 -0.31 -23.04 -3.06
CA CYS B 88 -1.22 -22.61 -2.00
C CYS B 88 -0.91 -23.40 -0.73
N GLN B 89 -1.00 -22.71 0.40
CA GLN B 89 -0.64 -23.24 1.71
C GLN B 89 -1.73 -22.93 2.73
N GLN B 90 -2.16 -23.94 3.47
CA GLN B 90 -3.08 -23.77 4.61
C GLN B 90 -2.38 -24.13 5.92
N GLY B 91 -2.36 -23.18 6.85
CA GLY B 91 -1.77 -23.44 8.15
C GLY B 91 -1.40 -22.14 8.85
N TYR B 92 -0.79 -22.31 10.03
CA TYR B 92 -0.42 -21.21 10.93
C TYR B 92 1.09 -21.26 11.20
N GLY B 93 1.52 -20.77 12.36
CA GLY B 93 2.89 -20.99 12.78
C GLY B 93 3.19 -22.44 13.09
N TRP B 94 2.15 -23.22 13.36
CA TRP B 94 2.21 -24.66 13.53
C TRP B 94 1.64 -25.37 12.32
N LEU B 95 2.08 -26.60 12.08
CA LEU B 95 1.55 -27.48 11.02
C LEU B 95 1.79 -26.87 9.64
N ILE B 96 0.75 -26.72 8.80
CA ILE B 96 0.73 -26.31 7.37
C ILE B 96 1.06 -27.48 6.44
N THR B 97 0.52 -27.44 5.22
CA THR B 97 0.85 -28.40 4.17
C THR B 97 0.72 -27.69 2.82
N PHE B 98 1.10 -28.39 1.76
CA PHE B 98 1.11 -27.78 0.44
C PHE B 98 0.31 -28.62 -0.57
N GLY B 99 -0.25 -27.92 -1.57
CA GLY B 99 -0.89 -28.57 -2.68
C GLY B 99 0.07 -28.82 -3.83
N GLN B 100 -0.34 -29.71 -4.75
CA GLN B 100 0.48 -30.07 -5.91
C GLN B 100 1.05 -28.85 -6.63
N GLY B 101 0.39 -27.71 -6.50
CA GLY B 101 0.88 -26.51 -7.13
C GLY B 101 0.54 -26.43 -8.60
N THR B 102 0.57 -25.21 -9.13
CA THR B 102 0.25 -24.94 -10.52
C THR B 102 1.36 -24.09 -11.10
N LYS B 103 2.11 -24.63 -12.06
CA LYS B 103 3.04 -23.80 -12.82
C LYS B 103 2.23 -23.13 -13.91
N VAL B 104 2.52 -21.86 -14.14
CA VAL B 104 1.79 -21.08 -15.14
C VAL B 104 2.72 -20.76 -16.29
N GLU B 105 2.21 -20.86 -17.51
CA GLU B 105 2.98 -20.59 -18.72
C GLU B 105 2.35 -19.46 -19.51
N ILE B 106 3.17 -18.77 -20.30
CA ILE B 106 2.74 -17.63 -21.08
C ILE B 106 2.51 -18.05 -22.53
N LYS B 107 1.29 -17.89 -23.03
CA LYS B 107 1.00 -18.16 -24.43
C LYS B 107 1.23 -16.88 -25.24
N ARG B 108 2.15 -16.94 -26.20
CA ARG B 108 2.62 -15.74 -26.91
C ARG B 108 2.77 -16.06 -28.41
N THR B 109 3.31 -15.09 -29.14
CA THR B 109 3.52 -15.20 -30.57
C THR B 109 4.47 -16.34 -30.92
N VAL B 110 4.33 -16.83 -32.16
CA VAL B 110 5.25 -17.77 -32.75
C VAL B 110 6.64 -17.13 -32.88
N ALA B 111 7.61 -17.64 -32.11
CA ALA B 111 8.92 -17.02 -31.98
C ALA B 111 9.97 -17.84 -32.70
N ALA B 112 10.63 -17.23 -33.68
CA ALA B 112 11.66 -17.90 -34.46
C ALA B 112 12.88 -18.23 -33.58
N PRO B 113 13.49 -19.40 -33.76
CA PRO B 113 14.71 -19.73 -33.01
C PRO B 113 15.99 -19.24 -33.67
N SER B 114 16.98 -18.91 -32.84
CA SER B 114 18.30 -18.57 -33.35
C SER B 114 19.24 -19.75 -33.11
N VAL B 115 20.06 -20.06 -34.12
CA VAL B 115 20.94 -21.23 -34.12
C VAL B 115 22.39 -20.78 -34.13
N PHE B 116 23.20 -21.38 -33.27
CA PHE B 116 24.64 -21.15 -33.34
C PHE B 116 25.41 -22.46 -33.19
N ILE B 117 26.46 -22.61 -33.99
CA ILE B 117 27.20 -23.87 -34.09
C ILE B 117 28.50 -23.76 -33.30
N PHE B 118 28.83 -24.81 -32.55
CA PHE B 118 29.99 -24.80 -31.66
C PHE B 118 30.80 -26.10 -31.75
N PRO B 119 31.99 -26.08 -32.34
CA PRO B 119 32.85 -27.25 -32.28
C PRO B 119 33.49 -27.35 -30.90
N PRO B 120 34.18 -28.45 -30.60
CA PRO B 120 34.80 -28.56 -29.28
C PRO B 120 36.01 -27.65 -29.16
N SER B 121 36.53 -27.58 -27.94
CA SER B 121 37.73 -26.81 -27.69
C SER B 121 38.94 -27.67 -28.02
N ASP B 122 39.95 -27.05 -28.61
CA ASP B 122 41.21 -27.76 -28.78
C ASP B 122 41.77 -28.20 -27.43
N SER B 123 41.50 -27.43 -26.38
CA SER B 123 41.91 -27.79 -25.02
C SER B 123 41.03 -28.89 -24.43
N GLN B 124 39.80 -29.08 -24.94
CA GLN B 124 38.94 -30.16 -24.47
C GLN B 124 39.35 -31.51 -25.02
N LEU B 125 39.82 -31.56 -26.27
CA LEU B 125 40.32 -32.79 -26.88
C LEU B 125 41.46 -33.42 -26.10
N LYS B 126 42.12 -32.66 -25.22
CA LYS B 126 43.26 -33.17 -24.48
C LYS B 126 42.89 -34.38 -23.63
N SER B 127 41.68 -34.40 -23.09
CA SER B 127 41.25 -35.52 -22.26
C SER B 127 41.12 -36.82 -23.05
N GLY B 128 41.03 -36.76 -24.38
CA GLY B 128 40.75 -37.94 -25.17
C GLY B 128 39.28 -38.10 -25.45
N THR B 129 38.46 -37.25 -24.86
CA THR B 129 37.02 -37.18 -25.02
C THR B 129 36.65 -35.81 -25.59
N ALA B 130 35.67 -35.77 -26.50
CA ALA B 130 35.31 -34.54 -27.18
C ALA B 130 33.79 -34.35 -27.14
N SER B 131 33.36 -33.10 -27.29
CA SER B 131 31.93 -32.81 -27.25
C SER B 131 31.61 -31.57 -28.07
N VAL B 132 30.43 -31.62 -28.69
CA VAL B 132 29.91 -30.56 -29.55
C VAL B 132 28.55 -30.14 -29.02
N VAL B 133 28.08 -28.97 -29.47
CA VAL B 133 26.78 -28.43 -29.05
C VAL B 133 26.18 -27.60 -30.18
N CYS B 134 24.86 -27.63 -30.28
CA CYS B 134 24.09 -26.79 -31.17
C CYS B 134 23.23 -25.90 -30.28
N LEU B 135 23.27 -24.59 -30.53
CA LEU B 135 22.67 -23.61 -29.64
C LEU B 135 21.36 -23.15 -30.23
N LEU B 136 20.32 -23.09 -29.40
CA LEU B 136 19.04 -22.54 -29.78
C LEU B 136 18.71 -21.45 -28.79
N ASN B 137 18.34 -20.27 -29.29
CA ASN B 137 18.10 -19.15 -28.40
C ASN B 137 16.80 -18.46 -28.76
N ASN B 138 16.04 -18.12 -27.70
CA ASN B 138 14.86 -17.27 -27.76
C ASN B 138 13.86 -17.77 -28.81
N PHE B 139 13.18 -18.87 -28.48
CA PHE B 139 12.20 -19.40 -29.42
C PHE B 139 10.91 -19.79 -28.71
N TYR B 140 9.86 -19.91 -29.52
CA TYR B 140 8.54 -20.35 -29.12
C TYR B 140 7.85 -20.85 -30.37
N PRO B 141 7.08 -21.94 -30.31
CA PRO B 141 6.83 -22.71 -29.08
C PRO B 141 8.02 -23.56 -28.64
N ARG B 142 7.96 -24.01 -27.39
CA ARG B 142 9.07 -24.76 -26.80
C ARG B 142 9.31 -26.07 -27.56
N GLU B 143 8.23 -26.74 -27.96
CA GLU B 143 8.28 -28.06 -28.58
C GLU B 143 8.98 -27.99 -29.94
N ALA B 144 10.18 -28.59 -30.05
CA ALA B 144 10.91 -28.60 -31.31
C ALA B 144 11.84 -29.80 -31.34
N LYS B 145 12.56 -29.95 -32.46
CA LYS B 145 13.39 -31.13 -32.67
C LYS B 145 14.75 -30.77 -33.24
N VAL B 146 15.81 -31.36 -32.62
CA VAL B 146 17.20 -31.21 -33.01
C VAL B 146 17.57 -32.42 -33.83
N GLN B 147 18.50 -32.23 -34.77
CA GLN B 147 19.05 -33.30 -35.59
C GLN B 147 20.55 -33.12 -35.66
N TRP B 148 21.29 -34.22 -35.61
CA TRP B 148 22.74 -34.22 -35.78
C TRP B 148 23.11 -35.07 -37.00
N LYS B 149 23.80 -34.45 -37.97
CA LYS B 149 24.18 -35.09 -39.21
C LYS B 149 25.70 -35.06 -39.28
N VAL B 150 26.30 -36.22 -39.56
CA VAL B 150 27.76 -36.40 -39.55
C VAL B 150 28.19 -37.01 -40.89
N ASP B 151 28.96 -36.25 -41.68
CA ASP B 151 29.37 -36.68 -43.03
C ASP B 151 28.13 -37.06 -43.84
N ASN B 152 27.07 -36.25 -43.71
CA ASN B 152 25.77 -36.48 -44.34
C ASN B 152 25.08 -37.72 -43.76
N ALA B 153 25.51 -38.16 -42.59
CA ALA B 153 24.97 -39.33 -41.90
C ALA B 153 24.51 -38.93 -40.50
N LEU B 154 23.23 -39.18 -40.22
CA LEU B 154 22.63 -38.92 -38.92
C LEU B 154 23.27 -39.80 -37.85
N GLN B 155 23.02 -39.45 -36.59
CA GLN B 155 23.60 -40.16 -35.46
C GLN B 155 22.54 -40.24 -34.37
N SER B 156 22.84 -41.01 -33.33
CA SER B 156 21.90 -41.16 -32.23
C SER B 156 22.61 -41.83 -31.06
N GLY B 157 21.95 -41.80 -29.90
CA GLY B 157 22.47 -42.39 -28.69
C GLY B 157 23.49 -41.53 -28.00
N ASN B 158 23.80 -40.37 -28.57
CA ASN B 158 24.82 -39.44 -28.09
C ASN B 158 24.24 -38.06 -27.83
N SER B 159 22.95 -37.87 -27.98
CA SER B 159 22.36 -36.54 -27.92
C SER B 159 21.69 -36.39 -26.57
N GLN B 160 22.04 -35.33 -25.87
CA GLN B 160 21.44 -35.02 -24.59
C GLN B 160 21.04 -33.56 -24.65
N GLU B 161 19.88 -33.22 -24.14
CA GLU B 161 19.42 -31.86 -24.35
C GLU B 161 18.84 -31.29 -23.07
N SER B 162 19.07 -30.01 -22.88
CA SER B 162 18.59 -29.27 -21.73
C SER B 162 17.70 -28.14 -22.23
N VAL B 163 16.67 -27.84 -21.45
CA VAL B 163 15.60 -26.94 -21.86
C VAL B 163 15.53 -25.80 -20.86
N THR B 164 15.56 -24.57 -21.38
CA THR B 164 15.39 -23.42 -20.51
C THR B 164 13.95 -23.32 -20.04
N GLU B 165 13.77 -22.71 -18.88
CA GLU B 165 12.43 -22.34 -18.51
C GLU B 165 12.08 -21.06 -19.24
N GLN B 166 10.78 -20.72 -19.24
CA GLN B 166 10.33 -19.59 -20.02
C GLN B 166 11.04 -18.36 -19.51
N ASP B 167 11.44 -17.50 -20.45
CA ASP B 167 12.26 -16.36 -20.08
C ASP B 167 11.42 -15.38 -19.29
N SER B 168 12.04 -14.79 -18.27
CA SER B 168 11.33 -13.93 -17.35
C SER B 168 10.60 -12.83 -18.10
N LYS B 169 11.29 -12.19 -19.04
CA LYS B 169 10.71 -11.15 -19.87
C LYS B 169 10.47 -11.61 -21.31
N ASP B 170 11.45 -12.25 -21.95
CA ASP B 170 11.32 -12.64 -23.35
C ASP B 170 10.13 -13.58 -23.57
N SER B 171 9.79 -14.38 -22.56
CA SER B 171 8.77 -15.41 -22.68
C SER B 171 9.11 -16.38 -23.80
N THR B 172 10.40 -16.59 -23.97
CA THR B 172 10.96 -17.40 -25.04
C THR B 172 11.70 -18.56 -24.39
N TYR B 173 12.26 -19.40 -25.23
CA TYR B 173 12.94 -20.59 -24.74
C TYR B 173 14.30 -20.70 -25.40
N SER B 174 15.21 -21.39 -24.73
CA SER B 174 16.52 -21.67 -25.29
C SER B 174 16.85 -23.14 -25.04
N LEU B 175 17.60 -23.74 -25.97
CA LEU B 175 17.85 -25.17 -25.91
C LEU B 175 19.33 -25.49 -26.10
N SER B 176 19.82 -26.44 -25.27
CA SER B 176 21.19 -26.93 -25.30
C SER B 176 21.14 -28.38 -25.78
N SER B 177 21.61 -28.61 -27.00
CA SER B 177 21.73 -29.96 -27.54
C SER B 177 23.22 -30.31 -27.57
N THR B 178 23.64 -31.13 -26.61
CA THR B 178 25.01 -31.60 -26.46
C THR B 178 25.18 -32.97 -27.12
N LEU B 179 26.06 -33.04 -28.13
CA LEU B 179 26.42 -34.26 -28.84
C LEU B 179 27.81 -34.70 -28.38
N THR B 180 27.90 -35.86 -27.75
CA THR B 180 29.15 -36.36 -27.19
C THR B 180 29.72 -37.49 -28.05
N LEU B 181 31.05 -37.52 -28.17
CA LEU B 181 31.76 -38.54 -28.92
C LEU B 181 33.26 -38.47 -28.62
N SER B 182 33.96 -39.60 -28.76
CA SER B 182 35.36 -39.71 -28.37
C SER B 182 36.28 -39.05 -29.40
N LYS B 183 37.54 -38.84 -28.98
CA LYS B 183 38.52 -38.17 -29.83
C LYS B 183 38.65 -38.88 -31.16
N ALA B 184 38.74 -40.21 -31.13
CA ALA B 184 38.88 -40.98 -32.36
C ALA B 184 37.68 -40.77 -33.28
N ASP B 185 36.47 -40.98 -32.76
CA ASP B 185 35.29 -40.85 -33.62
C ASP B 185 35.09 -39.43 -34.12
N TYR B 186 35.48 -38.43 -33.31
CA TYR B 186 35.62 -37.08 -33.83
C TYR B 186 36.48 -37.05 -35.09
N GLU B 187 37.75 -37.46 -34.96
CA GLU B 187 38.65 -37.35 -36.09
C GLU B 187 38.26 -38.25 -37.26
N LYS B 188 37.34 -39.20 -37.03
CA LYS B 188 36.89 -40.06 -38.11
C LYS B 188 36.23 -39.25 -39.22
N HIS B 189 35.29 -38.38 -38.85
CA HIS B 189 34.55 -37.60 -39.83
C HIS B 189 34.93 -36.13 -39.68
N LYS B 190 34.51 -35.31 -40.63
CA LYS B 190 34.95 -33.92 -40.58
C LYS B 190 33.91 -32.90 -41.03
N VAL B 191 33.08 -33.24 -42.03
CA VAL B 191 32.07 -32.33 -42.56
C VAL B 191 30.74 -32.71 -41.91
N TYR B 192 30.32 -31.94 -40.90
CA TYR B 192 29.13 -32.33 -40.16
C TYR B 192 28.68 -31.19 -39.27
N ALA B 193 27.42 -31.28 -38.81
CA ALA B 193 26.86 -30.44 -37.73
C ALA B 193 25.36 -30.65 -37.54
N CYS B 194 24.61 -29.60 -37.16
CA CYS B 194 23.25 -29.72 -36.66
C CYS B 194 22.20 -29.09 -37.58
N GLU B 195 21.04 -29.75 -37.61
CA GLU B 195 19.84 -29.35 -38.33
C GLU B 195 18.74 -29.20 -37.28
N VAL B 196 17.79 -28.32 -37.53
CA VAL B 196 16.68 -28.16 -36.60
C VAL B 196 15.40 -28.03 -37.40
N THR B 197 14.31 -28.58 -36.87
CA THR B 197 13.01 -28.47 -37.52
C THR B 197 12.06 -27.83 -36.52
N HIS B 198 11.33 -26.80 -36.98
CA HIS B 198 10.43 -26.06 -36.10
C HIS B 198 9.36 -25.40 -36.96
N GLN B 199 8.27 -24.98 -36.30
CA GLN B 199 7.26 -24.20 -37.02
C GLN B 199 7.87 -22.89 -37.53
N GLY B 200 8.85 -22.34 -36.82
CA GLY B 200 9.40 -21.04 -37.21
C GLY B 200 9.99 -21.06 -38.60
N LEU B 201 10.58 -22.18 -38.98
CA LEU B 201 11.29 -22.33 -40.25
C LEU B 201 10.34 -22.91 -41.30
N SER B 202 9.97 -22.08 -42.29
CA SER B 202 9.22 -22.59 -43.43
C SER B 202 10.01 -23.72 -44.09
N SER B 203 11.32 -23.58 -44.15
CA SER B 203 12.23 -24.60 -44.68
C SER B 203 13.27 -24.85 -43.59
N PRO B 204 13.43 -26.10 -43.11
CA PRO B 204 14.37 -26.34 -42.01
C PRO B 204 15.77 -25.89 -42.36
N VAL B 205 16.50 -25.44 -41.33
CA VAL B 205 17.81 -24.82 -41.54
C VAL B 205 18.87 -25.55 -40.74
N THR B 206 20.11 -25.49 -41.24
CA THR B 206 21.24 -26.26 -40.74
C THR B 206 22.48 -25.38 -40.74
N LYS B 207 23.28 -25.47 -39.66
CA LYS B 207 24.62 -24.91 -39.60
C LYS B 207 25.62 -26.05 -39.73
N SER B 208 26.83 -25.73 -40.21
CA SER B 208 27.83 -26.76 -40.44
C SER B 208 29.23 -26.20 -40.25
N PHE B 209 30.16 -27.07 -39.88
CA PHE B 209 31.57 -26.69 -39.78
C PHE B 209 32.45 -27.86 -40.23
N ASN B 210 33.45 -27.54 -41.07
CA ASN B 210 34.49 -28.50 -41.40
C ASN B 210 35.47 -28.58 -40.25
N ARG B 211 35.94 -29.80 -39.95
CA ARG B 211 36.74 -30.02 -38.75
C ARG B 211 37.98 -29.13 -38.75
N GLY B 212 38.13 -28.35 -37.67
CA GLY B 212 39.29 -27.51 -37.49
C GLY B 212 39.61 -26.58 -38.64
N GLU B 213 38.62 -25.83 -39.12
CA GLU B 213 38.86 -24.84 -40.16
C GLU B 213 38.96 -23.43 -39.58
N TYR C 3 -25.00 -30.97 6.31
CA TYR C 3 -23.93 -31.77 6.89
C TYR C 3 -22.75 -30.90 7.35
N HIS C 4 -22.34 -31.06 8.62
CA HIS C 4 -21.30 -30.29 9.31
C HIS C 4 -21.58 -28.79 9.19
N LYS C 5 -20.79 -28.03 9.95
CA LYS C 5 -20.92 -26.56 10.09
C LYS C 5 -20.85 -26.32 11.60
N HIS C 6 -21.43 -27.21 12.40
CA HIS C 6 -21.46 -26.95 13.87
C HIS C 6 -20.31 -27.68 14.54
N THR C 7 -19.45 -26.93 15.23
CA THR C 7 -18.36 -27.59 15.97
C THR C 7 -18.21 -26.90 17.31
N PHE C 8 -17.72 -27.62 18.32
CA PHE C 8 -17.67 -27.03 19.67
C PHE C 8 -16.29 -27.18 20.29
N ILE C 9 -15.94 -26.24 21.15
CA ILE C 9 -14.66 -26.32 21.87
C ILE C 9 -15.06 -26.25 23.32
N VAL C 10 -14.51 -27.10 24.17
CA VAL C 10 -15.00 -27.10 25.57
C VAL C 10 -13.86 -27.14 26.56
N LEU C 11 -14.10 -26.58 27.75
CA LEU C 11 -13.03 -26.52 28.78
C LEU C 11 -13.47 -27.26 30.02
N TYR C 12 -12.69 -28.25 30.42
CA TYR C 12 -13.00 -29.05 31.58
C TYR C 12 -11.96 -28.72 32.66
N VAL C 13 -12.43 -28.36 33.85
CA VAL C 13 -11.54 -28.10 34.97
C VAL C 13 -12.06 -28.80 36.22
N ASP C 14 -11.24 -29.68 36.82
CA ASP C 14 -11.51 -30.32 38.10
C ASP C 14 -10.41 -29.98 39.09
N PHE C 15 -10.79 -29.67 40.34
CA PHE C 15 -9.80 -29.41 41.37
C PHE C 15 -10.21 -30.03 42.70
N LYS C 16 -9.19 -30.40 43.50
CA LYS C 16 -9.30 -31.09 44.77
C LYS C 16 -8.51 -30.38 45.86
N PRO C 17 -9.10 -30.18 47.06
CA PRO C 17 -8.49 -29.45 48.17
C PRO C 17 -7.21 -30.08 48.73
N CYS C 24 -3.13 -27.24 55.44
CA CYS C 24 -3.80 -26.08 54.86
C CYS C 24 -4.78 -26.49 53.75
N PHE C 25 -6.08 -26.51 54.09
CA PHE C 25 -7.12 -26.74 53.09
C PHE C 25 -7.24 -25.56 52.14
N ASN C 26 -7.09 -24.34 52.67
CA ASN C 26 -7.20 -23.10 51.91
C ASN C 26 -5.84 -22.72 51.30
N CYS C 27 -5.34 -23.63 50.46
CA CYS C 27 -4.06 -23.48 49.80
C CYS C 27 -4.19 -24.01 48.38
N TYR C 28 -3.11 -23.84 47.62
CA TYR C 28 -2.95 -24.35 46.27
C TYR C 28 -3.47 -25.79 46.24
N PRO C 29 -4.59 -26.05 45.58
CA PRO C 29 -5.13 -27.42 45.56
C PRO C 29 -4.28 -28.34 44.70
N ALA C 30 -4.14 -29.59 45.15
CA ALA C 30 -3.19 -30.52 44.52
C ALA C 30 -3.75 -31.15 43.26
N GLY C 31 -5.05 -31.43 43.22
CA GLY C 31 -5.65 -32.08 42.08
C GLY C 31 -6.06 -31.14 40.97
N VAL C 32 -5.18 -30.88 40.01
CA VAL C 32 -5.50 -30.05 38.86
C VAL C 32 -5.77 -30.96 37.67
N ASN C 33 -6.94 -30.81 37.04
CA ASN C 33 -7.21 -31.61 35.82
C ASN C 33 -7.77 -30.66 34.77
N ILE C 34 -6.98 -29.66 34.41
CA ILE C 34 -7.42 -28.76 33.32
C ILE C 34 -7.47 -29.63 32.08
N THR C 35 -8.51 -29.49 31.30
CA THR C 35 -8.62 -30.40 30.15
C THR C 35 -9.13 -29.62 28.94
N LEU C 36 -8.51 -29.81 27.79
CA LEU C 36 -8.92 -29.06 26.58
C LEU C 36 -9.40 -30.05 25.57
N ALA C 37 -10.57 -29.79 25.04
CA ALA C 37 -11.15 -30.84 24.17
C ALA C 37 -10.28 -31.03 22.96
N ASN C 38 -10.14 -32.28 22.56
CA ASN C 38 -9.46 -32.54 21.27
C ASN C 38 -8.12 -31.81 21.25
N PHE C 39 -7.40 -31.78 22.35
CA PHE C 39 -6.16 -30.98 22.31
C PHE C 39 -4.94 -31.86 22.47
N ASN C 40 -3.99 -31.74 21.56
CA ASN C 40 -2.73 -32.49 21.72
C ASN C 40 -1.60 -31.47 21.66
N GLU C 41 -0.79 -31.41 22.70
CA GLU C 41 0.25 -30.36 22.73
C GLU C 41 1.14 -30.61 21.53
N THR C 42 1.46 -31.87 21.32
CA THR C 42 2.40 -32.16 20.24
C THR C 42 1.76 -31.74 18.93
N LYS C 43 0.50 -32.09 18.74
CA LYS C 43 -0.07 -31.80 17.42
C LYS C 43 -0.04 -30.29 17.31
N GLY C 44 -0.35 -29.65 18.42
CA GLY C 44 -0.33 -28.18 18.42
C GLY C 44 -1.68 -27.58 18.75
N PRO C 45 -1.78 -26.24 18.76
CA PRO C 45 -3.00 -25.62 19.18
C PRO C 45 -4.15 -26.08 18.29
N LEU C 46 -5.29 -26.32 18.91
CA LEU C 46 -6.48 -26.69 18.13
C LEU C 46 -6.93 -25.45 17.38
N CYS C 47 -7.30 -25.61 16.13
CA CYS C 47 -7.80 -24.48 15.35
C CYS C 47 -9.19 -24.82 14.83
N VAL C 48 -10.14 -23.91 15.03
CA VAL C 48 -11.52 -24.23 14.61
C VAL C 48 -11.46 -24.38 13.12
N ASP C 49 -12.17 -25.35 12.61
CA ASP C 49 -12.21 -25.50 11.14
C ASP C 49 -13.64 -25.31 10.64
N THR C 50 -14.53 -24.77 11.47
CA THR C 50 -15.94 -24.70 11.01
C THR C 50 -16.51 -23.30 11.16
N SER C 51 -17.53 -22.99 10.38
CA SER C 51 -18.09 -21.63 10.37
C SER C 51 -18.65 -21.25 11.72
N HIS C 52 -19.30 -22.18 12.39
CA HIS C 52 -19.97 -21.80 13.67
C HIS C 52 -19.35 -22.57 14.84
N PHE C 53 -19.20 -21.94 16.00
CA PHE C 53 -18.64 -22.63 17.20
C PHE C 53 -19.29 -22.06 18.47
N THR C 54 -19.28 -22.84 19.54
CA THR C 54 -19.91 -22.39 20.81
C THR C 54 -18.95 -22.63 21.96
N THR C 55 -19.04 -21.84 23.03
CA THR C 55 -18.06 -21.99 24.12
C THR C 55 -18.78 -22.38 25.40
N LYS C 56 -18.26 -23.37 26.13
CA LYS C 56 -18.93 -23.84 27.37
C LYS C 56 -17.90 -24.14 28.44
N TYR C 57 -18.32 -24.16 29.70
CA TYR C 57 -17.39 -24.35 30.84
C TYR C 57 -17.80 -25.61 31.58
N VAL C 58 -16.86 -26.35 32.16
CA VAL C 58 -17.26 -27.62 32.80
C VAL C 58 -16.79 -27.65 34.24
N ALA C 59 -17.70 -27.89 35.17
CA ALA C 59 -17.30 -28.00 36.60
C ALA C 59 -16.91 -29.44 36.89
N VAL C 60 -15.80 -29.89 36.34
CA VAL C 60 -15.34 -31.25 36.70
C VAL C 60 -15.03 -31.20 38.18
N TYR C 61 -14.61 -30.02 38.63
CA TYR C 61 -14.38 -29.90 40.07
C TYR C 61 -15.67 -30.26 40.79
N ALA C 62 -15.54 -31.10 41.81
CA ALA C 62 -16.72 -31.56 42.55
C ALA C 62 -17.32 -30.40 43.34
N ASN C 63 -18.64 -30.34 43.43
CA ASN C 63 -19.28 -29.28 44.24
C ASN C 63 -19.27 -29.75 45.70
N VAL C 64 -18.08 -29.87 46.28
CA VAL C 64 -17.97 -30.38 47.67
C VAL C 64 -17.36 -29.29 48.53
N GLY C 65 -17.09 -28.12 47.95
CA GLY C 65 -16.39 -27.10 48.74
C GLY C 65 -16.93 -25.70 48.56
N ARG C 66 -16.66 -24.82 49.52
CA ARG C 66 -17.05 -23.41 49.43
C ARG C 66 -16.24 -22.79 48.30
N TRP C 67 -15.19 -23.50 47.88
CA TRP C 67 -14.30 -23.02 46.81
C TRP C 67 -15.12 -22.77 45.55
N SER C 68 -14.71 -21.78 44.76
CA SER C 68 -15.41 -21.51 43.48
C SER C 68 -14.38 -21.23 42.39
N ALA C 69 -14.78 -21.34 41.12
CA ALA C 69 -13.81 -21.19 40.02
C ALA C 69 -14.39 -20.42 38.84
N SER C 70 -13.54 -19.69 38.10
CA SER C 70 -14.03 -18.89 36.96
C SER C 70 -12.90 -18.54 36.00
N ILE C 71 -13.25 -18.13 34.77
CA ILE C 71 -12.20 -17.65 33.85
C ILE C 71 -12.50 -16.18 33.62
N ASN C 72 -11.52 -15.33 33.81
CA ASN C 72 -11.79 -13.88 33.76
C ASN C 72 -11.21 -13.31 32.49
N THR C 73 -11.93 -12.37 31.89
CA THR C 73 -11.35 -11.71 30.72
C THR C 73 -10.06 -11.07 31.20
N GLY C 74 -9.00 -11.25 30.43
CA GLY C 74 -7.72 -10.64 30.79
C GLY C 74 -7.10 -10.11 29.55
N ASN C 75 -6.00 -10.72 29.14
CA ASN C 75 -5.29 -10.17 27.98
C ASN C 75 -6.28 -10.18 26.82
N CYS C 76 -6.99 -11.27 26.64
CA CYS C 76 -7.88 -11.26 25.46
C CYS C 76 -8.99 -10.25 25.69
N PRO C 77 -9.36 -9.46 24.66
CA PRO C 77 -10.48 -8.55 24.78
C PRO C 77 -11.80 -9.29 24.88
N PHE C 78 -11.92 -10.38 24.13
CA PHE C 78 -13.27 -10.98 24.13
C PHE C 78 -13.40 -12.06 25.18
N SER C 79 -14.30 -11.83 26.14
CA SER C 79 -14.49 -12.80 27.24
C SER C 79 -15.22 -14.04 26.74
N PHE C 80 -15.02 -15.12 27.46
CA PHE C 80 -15.66 -16.38 27.06
C PHE C 80 -17.15 -16.14 27.13
N GLY C 81 -17.88 -16.80 26.24
CA GLY C 81 -19.34 -16.70 26.27
C GLY C 81 -19.78 -15.44 25.57
N LYS C 82 -19.16 -14.32 25.91
CA LYS C 82 -19.50 -13.12 25.14
C LYS C 82 -19.08 -13.50 23.74
N VAL C 83 -18.08 -14.35 23.66
CA VAL C 83 -17.56 -14.72 22.33
C VAL C 83 -18.73 -15.28 21.58
N ASN C 84 -19.50 -16.10 22.26
CA ASN C 84 -20.61 -16.78 21.58
C ASN C 84 -21.61 -15.74 21.14
N ASN C 85 -21.50 -14.52 21.67
CA ASN C 85 -22.57 -13.53 21.37
C ASN C 85 -22.37 -12.99 19.98
N PHE C 86 -22.49 -13.85 18.98
CA PHE C 86 -22.44 -13.36 17.58
C PHE C 86 -21.22 -12.48 17.38
N VAL C 87 -20.05 -12.97 17.75
CA VAL C 87 -18.86 -12.16 17.44
C VAL C 87 -18.17 -12.74 16.23
N LYS C 88 -17.99 -11.92 15.21
CA LYS C 88 -17.40 -12.41 13.93
C LYS C 88 -15.90 -12.59 14.07
N PHE C 89 -15.31 -13.41 13.20
CA PHE C 89 -13.85 -13.58 13.21
C PHE C 89 -13.37 -14.09 11.86
N GLY C 90 -12.08 -13.95 11.59
CA GLY C 90 -11.52 -14.53 10.36
C GLY C 90 -10.88 -15.87 10.67
N SER C 91 -10.08 -15.94 11.72
CA SER C 91 -9.57 -17.27 12.11
C SER C 91 -9.24 -17.30 13.60
N VAL C 92 -9.31 -18.48 14.19
CA VAL C 92 -9.08 -18.58 15.66
C VAL C 92 -8.59 -19.98 16.00
N CYS C 93 -7.79 -20.07 17.04
CA CYS C 93 -7.32 -21.40 17.51
C CYS C 93 -7.16 -21.30 19.01
N PHE C 94 -7.12 -22.43 19.71
CA PHE C 94 -6.86 -22.34 21.17
C PHE C 94 -5.84 -23.39 21.59
N SER C 95 -5.03 -23.09 22.61
CA SER C 95 -4.10 -24.09 23.17
C SER C 95 -3.85 -23.77 24.63
N LEU C 96 -3.64 -24.79 25.43
CA LEU C 96 -3.47 -24.52 26.86
C LEU C 96 -2.19 -23.73 26.96
N LYS C 97 -1.21 -24.10 26.16
CA LYS C 97 0.11 -23.43 26.29
C LYS C 97 0.00 -22.00 25.80
N ASP C 98 0.82 -21.12 26.35
CA ASP C 98 0.83 -19.73 25.87
C ASP C 98 1.16 -19.78 24.40
N ILE C 99 0.38 -19.07 23.62
CA ILE C 99 0.67 -19.00 22.18
C ILE C 99 1.23 -17.60 22.02
N PRO C 100 2.33 -17.42 21.30
CA PRO C 100 2.94 -16.13 21.24
C PRO C 100 1.93 -15.15 20.66
N GLY C 101 1.96 -13.93 21.19
CA GLY C 101 1.00 -12.92 20.72
C GLY C 101 -0.40 -13.38 20.99
N GLY C 102 -0.58 -14.09 22.10
CA GLY C 102 -1.90 -14.69 22.35
C GLY C 102 -2.67 -14.04 23.46
N CYS C 103 -3.99 -14.09 23.38
CA CYS C 103 -4.80 -13.58 24.49
C CYS C 103 -4.50 -14.51 25.65
N ALA C 104 -4.55 -14.00 26.86
CA ALA C 104 -4.38 -14.91 28.00
C ALA C 104 -5.70 -15.03 28.74
N MET C 105 -6.22 -16.25 28.86
CA MET C 105 -7.43 -16.41 29.68
C MET C 105 -6.94 -17.03 30.96
N PRO C 106 -6.83 -16.22 32.02
CA PRO C 106 -6.41 -16.79 33.26
C PRO C 106 -7.49 -17.76 33.68
N ILE C 107 -7.09 -18.93 34.14
CA ILE C 107 -8.07 -19.87 34.70
C ILE C 107 -7.84 -19.79 36.19
N VAL C 108 -8.84 -19.37 36.94
CA VAL C 108 -8.55 -19.17 38.39
C VAL C 108 -9.70 -19.63 39.26
N ALA C 109 -9.41 -19.89 40.53
CA ALA C 109 -10.47 -20.30 41.46
C ALA C 109 -10.23 -19.63 42.81
N ASN C 110 -11.28 -19.51 43.59
CA ASN C 110 -11.08 -18.92 44.93
C ASN C 110 -11.68 -19.84 45.97
N TRP C 111 -10.96 -20.09 47.06
CA TRP C 111 -11.62 -20.84 48.16
C TRP C 111 -12.67 -19.85 48.60
N ALA C 112 -13.90 -20.30 48.69
CA ALA C 112 -14.93 -19.28 48.97
C ALA C 112 -14.60 -18.22 47.93
N TYR C 113 -14.48 -16.97 48.35
CA TYR C 113 -13.99 -15.97 47.38
C TYR C 113 -12.95 -15.16 48.14
N SER C 114 -12.84 -15.45 49.42
CA SER C 114 -11.93 -14.62 50.24
C SER C 114 -10.50 -14.79 49.73
N LYS C 115 -10.12 -16.00 49.36
CA LYS C 115 -8.72 -16.21 48.97
C LYS C 115 -8.68 -16.74 47.54
N TYR C 116 -7.62 -16.46 46.81
CA TYR C 116 -7.59 -16.85 45.37
C TYR C 116 -6.24 -17.43 45.00
N TYR C 117 -6.19 -18.25 43.95
CA TYR C 117 -4.89 -18.78 43.45
C TYR C 117 -4.91 -18.78 41.93
N THR C 118 -3.76 -18.50 41.32
CA THR C 118 -3.69 -18.41 39.84
C THR C 118 -3.50 -19.82 39.29
N ILE C 119 -4.52 -20.66 39.40
CA ILE C 119 -4.30 -22.09 39.04
C ILE C 119 -4.03 -22.33 37.57
N GLY C 120 -4.79 -21.72 36.68
CA GLY C 120 -4.64 -22.12 35.27
C GLY C 120 -4.48 -20.99 34.29
N SER C 121 -3.94 -21.30 33.11
CA SER C 121 -3.79 -20.28 32.06
C SER C 121 -4.25 -20.87 30.73
N LEU C 122 -5.15 -20.18 30.04
CA LEU C 122 -5.57 -20.65 28.70
C LEU C 122 -5.14 -19.56 27.74
N TYR C 123 -4.76 -19.93 26.54
CA TYR C 123 -4.27 -18.85 25.66
C TYR C 123 -4.94 -19.01 24.30
N VAL C 124 -5.18 -17.89 23.60
CA VAL C 124 -5.93 -18.01 22.32
C VAL C 124 -5.29 -17.16 21.24
N SER C 125 -5.63 -17.42 19.98
CA SER C 125 -5.01 -16.71 18.84
C SER C 125 -6.06 -15.95 18.04
N TRP C 126 -5.80 -14.72 17.65
CA TRP C 126 -6.86 -13.96 16.97
C TRP C 126 -6.51 -13.78 15.51
N SER C 127 -7.45 -14.02 14.61
CA SER C 127 -7.21 -13.66 13.20
C SER C 127 -8.42 -12.86 12.72
N ASP C 128 -8.23 -11.60 12.35
CA ASP C 128 -9.40 -10.74 12.03
C ASP C 128 -10.07 -11.25 10.76
N GLY C 129 -11.39 -11.21 10.72
CA GLY C 129 -12.09 -11.60 9.49
C GLY C 129 -13.57 -11.75 9.70
N ASP C 130 -14.28 -12.27 8.71
CA ASP C 130 -15.75 -12.29 8.83
C ASP C 130 -16.34 -13.69 8.83
N GLY C 131 -15.69 -14.68 8.23
CA GLY C 131 -16.36 -15.98 8.07
C GLY C 131 -16.72 -16.65 9.38
N ILE C 132 -15.81 -16.64 10.32
CA ILE C 132 -16.09 -17.37 11.58
C ILE C 132 -17.11 -16.55 12.36
N THR C 133 -17.95 -17.17 13.19
CA THR C 133 -19.03 -16.41 13.85
C THR C 133 -19.24 -16.77 15.32
N GLY C 134 -19.54 -15.78 16.17
CA GLY C 134 -19.87 -16.07 17.58
C GLY C 134 -21.20 -16.78 17.63
N VAL C 135 -21.34 -17.82 18.44
CA VAL C 135 -22.60 -18.59 18.31
C VAL C 135 -23.07 -19.15 19.63
N PRO C 136 -24.40 -19.25 19.83
CA PRO C 136 -24.94 -19.87 21.03
C PRO C 136 -25.64 -21.22 20.83
N GLN C 137 -25.41 -22.17 21.74
CA GLN C 137 -26.12 -23.48 21.68
C GLN C 137 -26.41 -23.91 23.11
N PRO C 138 -27.31 -24.86 23.37
CA PRO C 138 -27.68 -25.19 24.73
C PRO C 138 -26.82 -26.21 25.48
N VAL C 139 -27.32 -26.70 26.61
CA VAL C 139 -26.51 -27.60 27.47
C VAL C 139 -27.03 -29.04 27.47
N GLU C 140 -26.13 -30.02 27.32
CA GLU C 140 -26.48 -31.46 27.41
C GLU C 140 -25.19 -32.16 27.84
N GLY C 141 -25.27 -33.35 28.44
CA GLY C 141 -24.05 -34.00 28.97
C GLY C 141 -23.02 -34.34 27.91
N VAL C 142 -23.46 -34.81 26.74
CA VAL C 142 -22.51 -35.27 25.67
C VAL C 142 -21.18 -34.54 25.82
N VAL D 2 -27.08 30.10 11.60
CA VAL D 2 -25.77 29.91 12.17
C VAL D 2 -24.68 30.10 11.11
N GLN D 3 -24.17 31.33 10.96
CA GLN D 3 -23.31 31.66 9.83
C GLN D 3 -22.16 32.58 10.25
N LEU D 4 -21.14 32.60 9.39
CA LEU D 4 -19.94 33.39 9.59
C LEU D 4 -19.70 34.25 8.35
N VAL D 5 -18.96 35.35 8.55
CA VAL D 5 -18.65 36.30 7.49
C VAL D 5 -17.20 36.77 7.64
N GLU D 6 -16.44 36.66 6.56
CA GLU D 6 -15.09 37.20 6.46
C GLU D 6 -15.08 38.68 6.06
N SER D 7 -14.06 39.39 6.53
CA SER D 7 -13.89 40.81 6.26
C SER D 7 -12.40 41.11 6.23
N GLY D 8 -12.03 42.17 5.50
CA GLY D 8 -10.65 42.61 5.43
C GLY D 8 -9.81 42.11 4.28
N GLY D 9 -10.43 41.74 3.15
CA GLY D 9 -9.68 41.33 1.98
C GLY D 9 -9.35 42.52 1.07
N GLY D 10 -8.11 42.51 0.55
CA GLY D 10 -7.67 43.56 -0.36
C GLY D 10 -6.32 43.30 -1.01
N LEU D 11 -5.53 44.37 -1.18
CA LEU D 11 -4.21 44.25 -1.78
C LEU D 11 -3.17 44.77 -0.79
N VAL D 12 -1.99 44.13 -0.78
CA VAL D 12 -0.86 44.60 0.01
C VAL D 12 0.42 44.27 -0.74
N GLN D 13 1.46 45.09 -0.51
CA GLN D 13 2.77 44.99 -1.12
C GLN D 13 3.65 43.98 -0.37
N PRO D 14 4.61 43.36 -1.06
CA PRO D 14 5.51 42.40 -0.41
C PRO D 14 6.13 42.99 0.86
N GLY D 15 6.25 42.15 1.88
CA GLY D 15 6.68 42.61 3.19
C GLY D 15 5.58 43.20 4.02
N GLY D 16 4.43 43.49 3.41
CA GLY D 16 3.30 44.05 4.13
C GLY D 16 2.67 43.09 5.12
N SER D 17 1.83 43.67 5.97
CA SER D 17 1.11 42.95 7.02
C SER D 17 -0.36 43.32 6.94
N LEU D 18 -1.24 42.39 7.32
CA LEU D 18 -2.67 42.64 7.23
C LEU D 18 -3.43 41.80 8.25
N ARG D 19 -4.71 42.17 8.45
CA ARG D 19 -5.60 41.58 9.44
C ARG D 19 -6.88 41.07 8.80
N LEU D 20 -7.33 39.89 9.23
CA LEU D 20 -8.53 39.26 8.70
C LEU D 20 -9.57 39.09 9.81
N SER D 21 -10.84 39.31 9.45
CA SER D 21 -11.95 39.29 10.40
C SER D 21 -12.88 38.13 10.06
N CYS D 22 -13.16 37.28 11.04
CA CYS D 22 -14.12 36.19 10.93
C CYS D 22 -15.20 36.41 11.98
N ALA D 23 -16.32 37.02 11.59
CA ALA D 23 -17.46 37.13 12.49
C ALA D 23 -18.29 35.86 12.40
N ALA D 24 -18.85 35.43 13.53
CA ALA D 24 -19.63 34.21 13.60
C ALA D 24 -20.94 34.44 14.35
N SER D 25 -21.98 33.70 13.96
CA SER D 25 -23.29 33.76 14.58
C SER D 25 -23.81 32.35 14.81
N GLY D 26 -24.38 32.12 15.99
CA GLY D 26 -25.02 30.86 16.33
C GLY D 26 -24.37 30.12 17.49
N PHE D 27 -23.10 30.40 17.78
CA PHE D 27 -22.36 29.71 18.83
C PHE D 27 -21.33 30.66 19.42
N ASN D 28 -21.05 30.51 20.72
CA ASN D 28 -19.96 31.27 21.36
C ASN D 28 -18.64 30.61 20.94
N ILE D 29 -17.74 31.41 20.37
CA ILE D 29 -16.54 30.89 19.74
C ILE D 29 -15.64 30.15 20.70
N SER D 30 -15.77 30.40 22.00
CA SER D 30 -14.89 29.77 22.97
C SER D 30 -15.02 28.25 22.98
N SER D 31 -16.22 27.72 22.70
CA SER D 31 -16.48 26.30 22.94
C SER D 31 -15.91 25.39 21.86
N SER D 32 -15.65 25.88 20.66
CA SER D 32 -15.19 25.03 19.56
C SER D 32 -13.96 25.62 18.88
N TYR D 33 -13.22 24.75 18.19
CA TYR D 33 -12.11 25.19 17.36
C TYR D 33 -12.62 26.04 16.19
N ILE D 34 -11.81 27.01 15.79
CA ILE D 34 -12.09 27.81 14.60
C ILE D 34 -10.81 27.92 13.78
N HIS D 35 -10.92 27.67 12.47
CA HIS D 35 -9.76 27.60 11.60
C HIS D 35 -9.80 28.67 10.52
N TRP D 36 -8.61 28.94 9.98
CA TRP D 36 -8.44 29.68 8.74
C TRP D 36 -7.77 28.76 7.71
N VAL D 37 -8.33 28.72 6.51
CA VAL D 37 -7.81 27.89 5.42
C VAL D 37 -7.67 28.74 4.16
N ARG D 38 -6.53 28.57 3.49
CA ARG D 38 -6.25 29.28 2.25
C ARG D 38 -6.52 28.39 1.05
N GLN D 39 -7.01 29.01 -0.02
CA GLN D 39 -7.13 28.36 -1.33
C GLN D 39 -6.41 29.24 -2.33
N ALA D 40 -5.26 28.78 -2.82
CA ALA D 40 -4.70 29.43 -3.99
C ALA D 40 -5.71 29.29 -5.13
N PRO D 41 -5.94 30.36 -5.93
CA PRO D 41 -7.01 30.33 -6.94
C PRO D 41 -6.93 29.13 -7.87
N GLY D 42 -8.01 28.35 -7.92
CA GLY D 42 -8.00 27.16 -8.75
C GLY D 42 -6.88 26.20 -8.42
N LYS D 43 -6.40 26.19 -7.18
CA LYS D 43 -5.32 25.32 -6.72
C LYS D 43 -5.77 24.63 -5.44
N GLY D 44 -4.91 23.76 -4.91
CA GLY D 44 -5.29 23.02 -3.72
C GLY D 44 -5.30 23.92 -2.51
N LEU D 45 -6.24 23.64 -1.61
CA LEU D 45 -6.28 24.33 -0.34
C LEU D 45 -5.18 23.81 0.59
N GLU D 46 -4.74 24.65 1.52
CA GLU D 46 -3.78 24.22 2.52
C GLU D 46 -4.16 24.83 3.86
N TRP D 47 -3.94 24.08 4.92
CA TRP D 47 -4.33 24.50 6.26
C TRP D 47 -3.37 25.55 6.79
N VAL D 48 -3.91 26.54 7.49
CA VAL D 48 -3.11 27.63 8.04
C VAL D 48 -2.95 27.46 9.53
N ALA D 49 -4.05 27.62 10.27
CA ALA D 49 -3.99 27.57 11.73
C ALA D 49 -5.40 27.57 12.27
N SER D 50 -5.51 27.08 13.50
CA SER D 50 -6.76 27.00 14.22
C SER D 50 -6.55 27.51 15.63
N ILE D 51 -7.64 27.90 16.26
CA ILE D 51 -7.59 28.49 17.58
C ILE D 51 -8.77 27.99 18.38
N TYR D 52 -8.50 27.64 19.64
CA TYR D 52 -9.52 27.38 20.63
C TYR D 52 -9.53 28.60 21.56
N SER D 53 -10.61 29.38 21.50
CA SER D 53 -10.67 30.62 22.28
C SER D 53 -10.64 30.34 23.77
N SER D 54 -11.42 29.35 24.21
CA SER D 54 -11.59 29.06 25.64
C SER D 54 -10.24 28.81 26.31
N TYR D 55 -9.48 27.83 25.82
CA TYR D 55 -8.11 27.65 26.31
C TYR D 55 -7.08 28.37 25.48
N GLY D 56 -7.54 29.29 24.62
CA GLY D 56 -6.66 30.12 23.84
C GLY D 56 -5.50 29.35 23.26
N TYR D 57 -5.77 28.12 22.85
CA TYR D 57 -4.75 27.28 22.25
C TYR D 57 -4.60 27.71 20.81
N THR D 58 -3.41 28.16 20.46
CA THR D 58 -3.07 28.51 19.10
C THR D 58 -2.31 27.34 18.51
N TYR D 59 -2.87 26.75 17.46
CA TYR D 59 -2.20 25.67 16.76
C TYR D 59 -1.98 26.12 15.33
N TYR D 60 -0.71 26.31 14.94
CA TYR D 60 -0.37 26.78 13.61
C TYR D 60 0.37 25.69 12.86
N ALA D 61 0.50 25.89 11.54
CA ALA D 61 1.29 25.01 10.70
C ALA D 61 2.68 25.61 10.50
N ASP D 62 3.68 24.74 10.34
CA ASP D 62 5.04 25.20 10.03
C ASP D 62 5.13 25.95 8.70
N SER D 63 4.14 25.80 7.81
CA SER D 63 4.23 26.40 6.48
C SER D 63 4.56 27.89 6.56
N VAL D 64 3.92 28.60 7.49
CA VAL D 64 4.19 30.02 7.69
C VAL D 64 4.17 30.24 9.19
N LYS D 65 4.92 29.39 9.91
CA LYS D 65 4.90 29.36 11.36
C LYS D 65 5.22 30.73 11.95
N GLY D 66 6.38 31.29 11.59
CA GLY D 66 6.82 32.51 12.24
C GLY D 66 6.15 33.77 11.75
N ARG D 67 5.62 33.75 10.52
CA ARG D 67 5.13 34.99 9.92
C ARG D 67 3.83 35.50 10.56
N PHE D 68 2.84 34.63 10.75
CA PHE D 68 1.50 35.06 11.16
C PHE D 68 1.14 34.64 12.58
N THR D 69 -0.04 35.09 13.02
CA THR D 69 -0.61 34.66 14.29
C THR D 69 -2.13 34.74 14.24
N ILE D 70 -2.77 33.98 15.14
CA ILE D 70 -4.22 33.90 15.24
C ILE D 70 -4.64 34.57 16.54
N SER D 71 -5.88 35.06 16.57
CA SER D 71 -6.44 35.63 17.80
C SER D 71 -7.95 35.58 17.70
N ALA D 72 -8.61 36.03 18.76
CA ALA D 72 -10.07 36.14 18.79
C ALA D 72 -10.50 36.82 20.07
N ASP D 73 -11.62 37.54 20.00
CA ASP D 73 -12.24 38.10 21.19
C ASP D 73 -13.58 37.42 21.44
N THR D 74 -13.72 36.91 22.68
CA THR D 74 -14.87 36.10 23.07
C THR D 74 -16.13 36.94 23.19
N SER D 75 -16.03 38.09 23.85
CA SER D 75 -17.17 39.00 23.90
C SER D 75 -17.52 39.47 22.49
N LYS D 76 -16.52 39.81 21.69
CA LYS D 76 -16.77 40.18 20.29
C LYS D 76 -17.39 39.05 19.50
N ASN D 77 -17.18 37.80 19.90
CA ASN D 77 -17.59 36.63 19.13
C ASN D 77 -16.90 36.62 17.76
N THR D 78 -15.61 36.95 17.73
CA THR D 78 -14.99 37.14 16.41
C THR D 78 -13.52 36.74 16.43
N ALA D 79 -13.09 36.06 15.35
CA ALA D 79 -11.74 35.53 15.23
C ALA D 79 -10.94 36.41 14.28
N TYR D 80 -9.70 36.67 14.65
CA TYR D 80 -8.81 37.49 13.86
C TYR D 80 -7.62 36.67 13.38
N LEU D 81 -7.05 37.12 12.27
CA LEU D 81 -5.84 36.50 11.73
C LEU D 81 -4.90 37.62 11.30
N GLN D 82 -3.82 37.82 12.04
CA GLN D 82 -2.82 38.83 11.74
C GLN D 82 -1.68 38.23 10.94
N MET D 83 -1.18 38.99 9.96
CA MET D 83 -0.18 38.51 9.02
C MET D 83 1.00 39.45 9.01
N ASN D 84 2.19 38.89 8.77
CA ASN D 84 3.42 39.68 8.68
C ASN D 84 4.28 39.13 7.55
N SER D 85 5.12 40.00 7.00
CA SER D 85 6.06 39.67 5.93
C SER D 85 5.41 38.82 4.85
N LEU D 86 4.29 39.34 4.34
CA LEU D 86 3.54 38.64 3.31
C LEU D 86 4.30 38.65 1.99
N ARG D 87 4.23 37.54 1.26
CA ARG D 87 4.89 37.44 -0.03
C ARG D 87 3.87 37.11 -1.10
N ALA D 88 4.32 37.18 -2.35
CA ALA D 88 3.42 36.98 -3.49
C ALA D 88 2.86 35.56 -3.51
N GLU D 89 3.64 34.58 -3.09
CA GLU D 89 3.16 33.21 -3.02
C GLU D 89 1.96 33.07 -2.09
N ASP D 90 1.89 33.90 -1.05
CA ASP D 90 0.77 33.84 -0.10
C ASP D 90 -0.55 34.21 -0.78
N THR D 91 -0.51 35.05 -1.83
CA THR D 91 -1.67 35.52 -2.60
C THR D 91 -2.72 34.45 -2.80
N ALA D 92 -3.89 34.60 -2.18
CA ALA D 92 -4.88 33.53 -2.24
C ALA D 92 -6.25 34.01 -1.76
N VAL D 93 -7.23 33.10 -1.87
CA VAL D 93 -8.53 33.27 -1.23
C VAL D 93 -8.42 32.77 0.21
N TYR D 94 -9.00 33.52 1.15
CA TYR D 94 -8.89 33.19 2.56
C TYR D 94 -10.29 33.00 3.13
N TYR D 95 -10.56 31.79 3.62
CA TYR D 95 -11.82 31.42 4.24
C TYR D 95 -11.59 31.15 5.71
N CYS D 96 -12.46 31.67 6.56
CA CYS D 96 -12.51 31.16 7.93
C CYS D 96 -13.67 30.19 8.05
N ALA D 97 -13.59 29.31 9.03
CA ALA D 97 -14.64 28.31 9.16
C ALA D 97 -14.63 27.71 10.55
N ARG D 98 -15.73 27.04 10.85
CA ARG D 98 -15.99 26.47 12.16
C ARG D 98 -15.63 25.00 12.14
N TRP D 99 -15.53 24.42 13.32
CA TRP D 99 -15.14 23.04 13.48
C TRP D 99 -16.26 22.35 14.24
N TRP D 100 -16.49 21.09 13.87
CA TRP D 100 -17.55 20.28 14.43
C TRP D 100 -16.88 19.13 15.16
N ALA D 101 -17.51 18.65 16.21
CA ALA D 101 -16.90 17.68 17.10
C ALA D 101 -17.65 16.36 17.02
N SER D 102 -16.90 15.27 16.90
CA SER D 102 -17.48 13.94 16.99
C SER D 102 -17.81 13.63 18.44
N VAL D 103 -18.28 12.40 18.65
CA VAL D 103 -18.56 11.93 20.00
C VAL D 103 -17.31 12.02 20.87
N GLY D 104 -16.15 11.67 20.32
CA GLY D 104 -14.91 11.72 21.07
C GLY D 104 -14.14 13.01 20.83
N GLY D 105 -12.90 13.01 21.32
CA GLY D 105 -12.04 14.18 21.18
C GLY D 105 -11.79 14.57 19.74
N ALA D 106 -11.71 13.60 18.85
CA ALA D 106 -11.32 13.82 17.46
C ALA D 106 -12.45 13.39 16.55
N GLY D 107 -12.81 14.28 15.63
CA GLY D 107 -13.87 14.06 14.67
C GLY D 107 -13.82 15.19 13.66
N GLY D 108 -12.59 15.65 13.44
CA GLY D 108 -12.27 16.81 12.64
C GLY D 108 -13.10 17.07 11.42
N GLY D 109 -13.88 18.15 11.46
CA GLY D 109 -14.65 18.52 10.29
C GLY D 109 -15.01 19.98 10.42
N LEU D 110 -15.32 20.59 9.29
CA LEU D 110 -15.75 21.99 9.25
C LEU D 110 -17.20 22.04 8.80
N ASP D 111 -18.09 22.38 9.73
CA ASP D 111 -19.50 22.32 9.40
C ASP D 111 -19.93 23.55 8.61
N TYR D 112 -19.60 24.73 9.13
CA TYR D 112 -20.02 25.99 8.53
C TYR D 112 -18.80 26.75 8.06
N TRP D 113 -18.92 27.36 6.89
CA TRP D 113 -17.87 28.15 6.29
C TRP D 113 -18.40 29.55 6.00
N GLY D 114 -17.51 30.54 6.04
CA GLY D 114 -17.87 31.85 5.58
C GLY D 114 -17.81 31.97 4.07
N GLN D 115 -18.26 33.13 3.57
CA GLN D 115 -18.23 33.38 2.13
C GLN D 115 -16.80 33.52 1.61
N GLY D 116 -15.87 33.93 2.48
CA GLY D 116 -14.47 34.02 2.10
C GLY D 116 -14.08 35.31 1.42
N THR D 117 -12.89 35.83 1.69
CA THR D 117 -12.48 37.07 1.05
C THR D 117 -11.18 36.78 0.32
N LEU D 118 -10.85 37.64 -0.65
CA LEU D 118 -9.67 37.46 -1.49
C LEU D 118 -8.60 38.44 -1.06
N VAL D 119 -7.35 37.96 -0.95
CA VAL D 119 -6.25 38.86 -0.67
C VAL D 119 -5.16 38.61 -1.70
N THR D 120 -4.62 39.68 -2.27
CA THR D 120 -3.58 39.63 -3.29
C THR D 120 -2.34 40.33 -2.76
N VAL D 121 -1.17 39.74 -3.02
CA VAL D 121 0.11 40.28 -2.61
C VAL D 121 0.94 40.53 -3.87
N SER D 122 1.12 41.79 -4.21
CA SER D 122 1.91 42.12 -5.38
C SER D 122 2.42 43.55 -5.26
N SER D 123 3.56 43.78 -5.90
CA SER D 123 4.16 45.10 -5.96
C SER D 123 3.42 45.99 -6.94
N ALA D 124 2.68 45.38 -7.87
CA ALA D 124 1.94 46.13 -8.88
C ALA D 124 0.89 47.01 -8.23
N SER D 125 0.77 48.24 -8.75
CA SER D 125 -0.16 49.19 -8.16
C SER D 125 -1.60 48.83 -8.54
N THR D 126 -2.53 49.35 -7.75
CA THR D 126 -3.95 49.20 -8.04
C THR D 126 -4.30 49.75 -9.42
N LYS D 127 -5.31 49.15 -10.06
CA LYS D 127 -5.66 49.52 -11.43
C LYS D 127 -7.17 49.60 -11.66
N GLY D 128 -7.54 50.46 -12.59
CA GLY D 128 -8.91 50.62 -13.02
C GLY D 128 -9.13 49.78 -14.26
N PRO D 129 -10.30 49.16 -14.38
CA PRO D 129 -10.55 48.31 -15.54
C PRO D 129 -10.81 49.17 -16.77
N SER D 130 -10.49 48.61 -17.93
CA SER D 130 -10.83 49.23 -19.20
C SER D 130 -11.83 48.34 -19.92
N VAL D 131 -12.93 48.94 -20.38
CA VAL D 131 -14.04 48.22 -20.97
C VAL D 131 -14.07 48.55 -22.46
N PHE D 132 -14.11 47.52 -23.30
CA PHE D 132 -14.19 47.67 -24.74
C PHE D 132 -15.16 46.62 -25.28
N PRO D 133 -15.85 46.92 -26.37
CA PRO D 133 -16.95 46.04 -26.81
C PRO D 133 -16.57 44.88 -27.72
N LEU D 134 -17.27 43.77 -27.53
CA LEU D 134 -17.30 42.65 -28.47
C LEU D 134 -18.40 42.84 -29.50
N ALA D 135 -18.03 42.81 -30.77
CA ALA D 135 -19.02 43.16 -31.79
C ALA D 135 -19.67 41.91 -32.39
N PRO D 136 -20.93 41.98 -32.85
CA PRO D 136 -21.66 40.89 -33.53
C PRO D 136 -20.90 40.27 -34.73
N GLY D 143 -27.61 30.95 -41.16
CA GLY D 143 -27.28 32.25 -40.61
C GLY D 143 -28.24 32.68 -39.52
N GLY D 144 -28.48 31.77 -38.57
CA GLY D 144 -29.37 32.01 -37.45
C GLY D 144 -28.60 32.14 -36.14
N THR D 145 -29.37 32.46 -35.08
CA THR D 145 -28.85 32.71 -33.73
C THR D 145 -27.97 33.96 -33.76
N ALA D 146 -27.30 34.28 -32.67
CA ALA D 146 -26.57 35.54 -32.57
C ALA D 146 -25.62 35.52 -31.37
N ALA D 147 -24.69 36.48 -31.37
CA ALA D 147 -23.60 36.52 -30.42
C ALA D 147 -23.19 37.96 -30.12
N LEU D 148 -22.88 38.22 -28.84
CA LEU D 148 -22.42 39.53 -28.41
C LEU D 148 -21.79 39.38 -27.03
N GLY D 149 -20.95 40.35 -26.68
CA GLY D 149 -20.27 40.32 -25.40
C GLY D 149 -19.60 41.63 -25.06
N CYS D 150 -19.06 41.66 -23.84
CA CYS D 150 -18.27 42.76 -23.31
C CYS D 150 -16.85 42.25 -23.10
N LEU D 151 -15.85 43.08 -23.38
CA LEU D 151 -14.45 42.73 -23.25
C LEU D 151 -13.84 43.64 -22.21
N VAL D 152 -13.10 43.06 -21.28
CA VAL D 152 -12.48 43.80 -20.19
C VAL D 152 -10.99 43.54 -20.27
N LYS D 153 -10.23 44.61 -20.13
CA LYS D 153 -8.77 44.43 -20.11
C LYS D 153 -8.17 45.34 -19.09
N ASP D 154 -6.89 45.14 -18.80
CA ASP D 154 -6.20 46.09 -17.91
C ASP D 154 -7.00 46.22 -16.63
N TYR D 155 -7.46 45.12 -16.07
CA TYR D 155 -8.16 45.27 -14.77
C TYR D 155 -7.28 44.68 -13.69
N PHE D 156 -7.11 45.41 -12.58
CA PHE D 156 -6.35 44.83 -11.46
C PHE D 156 -6.80 45.52 -10.19
N PRO D 157 -6.98 44.76 -9.11
CA PRO D 157 -7.10 43.35 -9.28
C PRO D 157 -8.51 42.83 -9.07
N GLU D 158 -8.78 41.67 -9.65
CA GLU D 158 -10.11 41.07 -9.51
C GLU D 158 -10.35 40.96 -8.02
N PRO D 159 -11.57 41.16 -7.53
CA PRO D 159 -12.72 40.47 -8.02
C PRO D 159 -13.49 41.27 -9.06
N VAL D 160 -13.29 40.93 -10.32
CA VAL D 160 -14.11 41.61 -11.34
C VAL D 160 -15.56 41.21 -11.08
N THR D 161 -16.48 42.15 -11.19
CA THR D 161 -17.89 41.73 -11.06
C THR D 161 -18.59 42.14 -12.34
N VAL D 162 -19.28 41.18 -12.96
CA VAL D 162 -19.89 41.51 -14.28
C VAL D 162 -21.34 41.05 -14.21
N SER D 163 -22.28 41.85 -14.72
CA SER D 163 -23.67 41.36 -14.74
C SER D 163 -24.52 42.03 -15.81
N TRP D 164 -25.58 41.36 -16.23
CA TRP D 164 -26.56 41.96 -17.17
C TRP D 164 -27.90 42.01 -16.44
N ASN D 165 -27.88 41.94 -15.10
CA ASN D 165 -29.13 41.84 -14.30
C ASN D 165 -29.99 43.08 -14.51
N SER D 166 -29.36 44.23 -14.55
CA SER D 166 -30.24 45.35 -14.93
C SER D 166 -30.56 44.88 -16.33
N GLY D 167 -31.83 44.87 -16.68
CA GLY D 167 -32.13 44.23 -17.95
C GLY D 167 -31.68 42.80 -17.84
N ALA D 168 -32.01 42.15 -16.72
CA ALA D 168 -31.48 40.79 -16.56
C ALA D 168 -31.88 40.00 -17.79
N LEU D 169 -30.88 39.42 -18.46
CA LEU D 169 -31.25 38.57 -19.61
C LEU D 169 -31.07 37.11 -19.20
N THR D 170 -29.99 36.84 -18.48
CA THR D 170 -29.70 35.44 -18.10
C THR D 170 -29.76 34.60 -19.36
N SER D 171 -30.41 33.44 -19.30
CA SER D 171 -30.63 32.58 -20.50
C SER D 171 -29.32 32.07 -21.08
N GLY D 172 -28.53 32.98 -21.64
CA GLY D 172 -27.28 32.56 -22.29
C GLY D 172 -26.11 33.15 -21.58
N VAL D 173 -26.34 33.63 -20.37
CA VAL D 173 -25.21 34.33 -19.73
C VAL D 173 -24.01 33.40 -19.67
N HIS D 174 -22.84 33.88 -20.07
CA HIS D 174 -21.61 33.08 -19.88
C HIS D 174 -20.49 34.07 -19.54
N THR D 175 -19.89 33.96 -18.35
CA THR D 175 -18.84 34.93 -17.94
C THR D 175 -17.51 34.19 -17.85
N PHE D 176 -16.62 34.44 -18.79
CA PHE D 176 -15.40 33.66 -18.84
C PHE D 176 -14.46 34.00 -17.68
N PRO D 177 -13.61 33.06 -17.29
CA PRO D 177 -12.62 33.31 -16.24
C PRO D 177 -11.58 34.32 -16.69
N ALA D 178 -10.83 34.80 -15.69
CA ALA D 178 -9.77 35.79 -15.86
C ALA D 178 -8.46 35.16 -16.31
N VAL D 179 -7.58 36.01 -16.87
CA VAL D 179 -6.22 35.64 -17.27
C VAL D 179 -5.28 36.80 -16.96
N LEU D 180 -4.00 36.46 -16.78
CA LEU D 180 -2.96 37.42 -16.45
C LEU D 180 -2.21 37.83 -17.71
N GLN D 181 -2.12 39.14 -17.94
CA GLN D 181 -1.36 39.60 -19.10
C GLN D 181 0.13 39.40 -18.83
N SER D 182 0.91 39.34 -19.90
CA SER D 182 2.36 39.24 -19.74
C SER D 182 2.89 40.42 -18.93
N SER D 183 2.35 41.61 -19.18
CA SER D 183 2.81 42.82 -18.49
C SER D 183 2.61 42.73 -16.99
N GLY D 184 1.49 42.18 -16.55
CA GLY D 184 1.17 42.14 -15.14
C GLY D 184 -0.21 42.65 -14.84
N LEU D 185 -1.13 42.47 -15.79
CA LEU D 185 -2.50 42.90 -15.67
C LEU D 185 -3.45 41.74 -15.88
N TYR D 186 -4.69 41.95 -15.45
CA TYR D 186 -5.76 40.99 -15.68
C TYR D 186 -6.69 41.52 -16.75
N SER D 187 -7.22 40.60 -17.55
CA SER D 187 -8.16 40.93 -18.61
C SER D 187 -9.07 39.74 -18.87
N LEU D 188 -10.38 39.93 -18.82
CA LEU D 188 -11.29 38.85 -19.19
C LEU D 188 -12.49 39.44 -19.95
N SER D 189 -13.31 38.55 -20.49
CA SER D 189 -14.44 38.93 -21.33
C SER D 189 -15.61 38.00 -21.07
N SER D 190 -16.82 38.53 -21.20
CA SER D 190 -18.03 37.74 -21.03
C SER D 190 -18.93 37.93 -22.25
N VAL D 191 -19.80 36.95 -22.48
CA VAL D 191 -20.63 36.92 -23.69
C VAL D 191 -21.96 36.24 -23.36
N VAL D 192 -22.87 36.30 -24.32
CA VAL D 192 -24.14 35.59 -24.17
C VAL D 192 -24.73 35.34 -25.55
N THR D 193 -25.26 34.13 -25.73
CA THR D 193 -25.94 33.77 -26.97
C THR D 193 -27.30 34.44 -27.03
N VAL D 194 -27.63 34.97 -28.21
CA VAL D 194 -28.87 35.72 -28.42
C VAL D 194 -29.57 35.10 -29.63
N PRO D 195 -30.87 35.38 -29.82
CA PRO D 195 -31.54 34.94 -31.05
C PRO D 195 -31.35 35.93 -32.17
N SER D 196 -31.97 35.68 -33.32
CA SER D 196 -31.93 36.65 -34.41
C SER D 196 -32.82 37.83 -34.03
N SER D 197 -33.36 38.53 -35.03
CA SER D 197 -34.13 39.76 -34.84
C SER D 197 -33.20 40.97 -34.65
N SER D 198 -32.04 40.76 -34.02
CA SER D 198 -31.05 41.83 -33.86
C SER D 198 -31.61 43.02 -33.07
N LEU D 199 -32.03 44.07 -33.78
CA LEU D 199 -32.46 45.33 -33.16
C LEU D 199 -33.64 45.09 -32.22
N GLY D 200 -33.81 46.00 -31.25
CA GLY D 200 -34.85 45.82 -30.26
C GLY D 200 -34.26 45.65 -28.87
N THR D 201 -33.35 44.68 -28.71
CA THR D 201 -32.74 44.47 -27.40
C THR D 201 -31.72 45.55 -27.11
N GLN D 202 -30.93 45.92 -28.12
CA GLN D 202 -29.84 46.87 -28.02
C GLN D 202 -28.75 46.26 -27.16
N THR D 203 -29.07 46.05 -25.89
CA THR D 203 -28.19 45.52 -24.86
C THR D 203 -29.06 45.38 -23.62
N TYR D 204 -28.58 44.62 -22.64
CA TYR D 204 -29.29 44.51 -21.37
C TYR D 204 -28.35 44.78 -20.19
N ILE D 205 -27.84 46.01 -20.14
CA ILE D 205 -27.00 46.52 -19.05
C ILE D 205 -25.89 45.55 -18.68
N CYS D 206 -24.71 45.70 -19.28
CA CYS D 206 -23.56 44.90 -18.89
C CYS D 206 -22.91 45.75 -17.82
N ASN D 207 -23.30 45.45 -16.59
CA ASN D 207 -22.72 46.13 -15.44
C ASN D 207 -21.35 45.56 -15.20
N VAL D 208 -20.37 46.43 -15.00
CA VAL D 208 -19.05 45.99 -14.64
C VAL D 208 -18.65 46.83 -13.45
N ASN D 209 -18.30 46.17 -12.35
CA ASN D 209 -17.83 46.88 -11.18
C ASN D 209 -16.55 46.22 -10.72
N HIS D 210 -15.55 47.04 -10.49
CA HIS D 210 -14.28 46.56 -9.96
C HIS D 210 -14.19 47.16 -8.57
N LYS D 211 -14.38 46.32 -7.55
CA LYS D 211 -14.39 46.83 -6.18
C LYS D 211 -13.13 47.60 -5.86
N PRO D 212 -11.93 47.19 -6.30
CA PRO D 212 -10.77 48.08 -6.17
C PRO D 212 -10.87 49.32 -7.05
N SER D 213 -11.74 49.33 -8.07
CA SER D 213 -11.92 50.55 -8.83
C SER D 213 -13.07 51.42 -8.32
N ASN D 214 -13.97 50.88 -7.48
CA ASN D 214 -15.16 51.59 -6.99
C ASN D 214 -15.91 52.17 -8.18
N THR D 215 -15.56 51.66 -9.35
CA THR D 215 -16.02 52.17 -10.63
C THR D 215 -16.81 51.05 -11.28
N LYS D 216 -18.01 51.40 -11.73
CA LYS D 216 -18.91 50.50 -12.43
C LYS D 216 -19.28 51.20 -13.74
N VAL D 217 -19.02 50.54 -14.85
CA VAL D 217 -19.25 51.08 -16.18
C VAL D 217 -20.16 50.11 -16.93
N ASP D 218 -21.06 50.68 -17.72
CA ASP D 218 -21.89 49.92 -18.66
C ASP D 218 -22.03 50.75 -19.94
N LYS D 219 -21.09 50.57 -20.86
CA LYS D 219 -21.16 51.15 -22.20
C LYS D 219 -21.24 49.97 -23.15
N LYS D 220 -22.17 50.00 -24.10
CA LYS D 220 -22.39 48.83 -24.93
C LYS D 220 -22.87 49.25 -26.31
N VAL D 221 -22.60 48.38 -27.28
CA VAL D 221 -22.98 48.64 -28.66
C VAL D 221 -23.64 47.40 -29.26
N GLU D 222 -23.88 47.43 -30.58
CA GLU D 222 -24.61 46.39 -31.31
C GLU D 222 -24.02 46.15 -32.71
N ASP E 1 6.60 15.56 7.36
CA ASP E 1 5.69 14.94 8.32
C ASP E 1 4.45 14.37 7.63
N ILE E 2 3.28 14.47 8.28
CA ILE E 2 2.06 13.89 7.72
C ILE E 2 1.67 14.60 6.42
N GLN E 3 1.20 13.82 5.45
CA GLN E 3 0.73 14.32 4.18
C GLN E 3 -0.40 13.41 3.72
N MET E 4 -0.85 13.59 2.49
CA MET E 4 -1.88 12.73 1.93
C MET E 4 -1.67 12.61 0.42
N THR E 5 -1.97 11.45 -0.14
CA THR E 5 -1.92 11.33 -1.60
C THR E 5 -3.33 11.01 -2.10
N GLN E 6 -3.89 11.92 -2.90
CA GLN E 6 -5.28 11.81 -3.36
C GLN E 6 -5.34 11.37 -4.81
N SER E 7 -6.09 10.29 -5.06
CA SER E 7 -6.30 9.72 -6.37
C SER E 7 -7.80 9.56 -6.62
N PRO E 8 -8.29 9.83 -7.83
CA PRO E 8 -7.48 10.22 -8.99
C PRO E 8 -7.17 11.70 -8.97
N SER E 9 -6.39 12.12 -9.96
CA SER E 9 -6.16 13.55 -10.16
C SER E 9 -7.39 14.22 -10.75
N SER E 10 -8.00 13.59 -11.74
CA SER E 10 -9.18 14.14 -12.40
C SER E 10 -9.94 13.00 -13.06
N LEU E 11 -11.25 13.16 -13.20
CA LEU E 11 -12.07 12.13 -13.84
C LEU E 11 -13.38 12.76 -14.30
N SER E 12 -14.04 12.06 -15.23
CA SER E 12 -15.41 12.36 -15.64
C SER E 12 -16.23 11.06 -15.55
N ALA E 13 -17.55 11.18 -15.57
CA ALA E 13 -18.36 9.98 -15.47
C ALA E 13 -19.81 10.25 -15.86
N SER E 14 -20.54 9.16 -16.11
CA SER E 14 -21.96 9.13 -16.48
C SER E 14 -22.85 9.36 -15.26
N VAL E 15 -24.16 9.45 -15.51
CA VAL E 15 -25.15 9.79 -14.48
C VAL E 15 -25.52 8.57 -13.66
N GLY E 16 -25.48 8.70 -12.34
CA GLY E 16 -25.92 7.59 -11.52
C GLY E 16 -24.97 6.41 -11.43
N ASP E 17 -23.77 6.52 -11.99
CA ASP E 17 -22.82 5.43 -11.95
C ASP E 17 -22.01 5.45 -10.64
N ARG E 18 -21.27 4.38 -10.41
CA ARG E 18 -20.50 4.24 -9.18
C ARG E 18 -19.24 5.10 -9.25
N VAL E 19 -18.95 5.84 -8.19
CA VAL E 19 -17.81 6.76 -8.17
C VAL E 19 -16.92 6.41 -6.99
N THR E 20 -15.64 6.20 -7.29
CA THR E 20 -14.62 5.77 -6.35
C THR E 20 -13.53 6.82 -6.27
N ILE E 21 -13.19 7.26 -5.05
CA ILE E 21 -12.05 8.15 -4.84
C ILE E 21 -11.26 7.66 -3.63
N THR E 22 -9.93 7.74 -3.71
CA THR E 22 -9.09 7.24 -2.64
C THR E 22 -8.08 8.29 -2.21
N CYS E 23 -7.65 8.14 -0.95
CA CYS E 23 -6.50 8.84 -0.42
C CYS E 23 -5.66 7.83 0.35
N ARG E 24 -4.40 7.69 -0.04
CA ARG E 24 -3.50 6.82 0.69
C ARG E 24 -2.72 7.64 1.69
N ALA E 25 -2.63 7.09 2.90
CA ALA E 25 -1.97 7.74 4.01
C ALA E 25 -0.52 7.91 3.60
N SER E 26 -0.13 9.15 3.34
CA SER E 26 1.23 9.41 2.91
C SER E 26 2.23 8.97 3.97
N GLN E 27 1.97 9.32 5.23
CA GLN E 27 3.00 9.03 6.22
C GLN E 27 2.45 8.24 7.40
N SER E 28 1.16 8.36 7.69
CA SER E 28 0.64 7.90 8.96
C SER E 28 -0.86 7.65 8.85
N VAL E 29 -1.39 6.90 9.82
CA VAL E 29 -2.75 6.40 9.77
C VAL E 29 -3.48 6.82 11.03
N SER E 30 -4.77 7.07 10.88
CA SER E 30 -5.73 7.45 11.91
C SER E 30 -7.06 7.59 11.19
N SER E 31 -8.15 7.55 11.96
CA SER E 31 -9.45 7.67 11.36
C SER E 31 -9.88 9.11 11.22
N ALA E 32 -8.92 10.03 11.36
CA ALA E 32 -9.16 11.46 11.30
C ALA E 32 -9.38 11.90 9.84
N VAL E 33 -10.18 11.11 9.15
CA VAL E 33 -10.47 11.33 7.74
C VAL E 33 -11.80 12.06 7.56
N ALA E 34 -11.84 13.00 6.62
CA ALA E 34 -13.06 13.71 6.27
C ALA E 34 -13.05 14.12 4.81
N TRP E 35 -14.19 14.04 4.16
CA TRP E 35 -14.34 14.47 2.77
C TRP E 35 -15.31 15.64 2.71
N TYR E 36 -14.95 16.62 1.85
CA TYR E 36 -15.72 17.83 1.66
C TYR E 36 -16.01 18.05 0.18
N GLN E 37 -17.11 18.77 -0.06
CA GLN E 37 -17.59 19.14 -1.38
C GLN E 37 -17.56 20.66 -1.53
N GLN E 38 -16.94 21.14 -2.61
CA GLN E 38 -16.91 22.56 -2.92
C GLN E 38 -17.38 22.74 -4.35
N LYS E 39 -18.45 23.49 -4.50
CA LYS E 39 -18.96 23.91 -5.80
C LYS E 39 -18.15 25.11 -6.28
N PRO E 40 -18.08 25.35 -7.59
CA PRO E 40 -17.22 26.42 -8.10
C PRO E 40 -17.61 27.78 -7.52
N GLY E 41 -16.60 28.52 -7.07
CA GLY E 41 -16.83 29.84 -6.49
C GLY E 41 -17.85 29.85 -5.36
N LYS E 42 -17.85 28.78 -4.57
CA LYS E 42 -18.85 28.56 -3.54
C LYS E 42 -18.15 28.13 -2.26
N ALA E 43 -18.88 28.18 -1.15
CA ALA E 43 -18.30 27.75 0.10
C ALA E 43 -18.13 26.23 0.13
N PRO E 44 -16.97 25.74 0.57
CA PRO E 44 -16.80 24.29 0.74
C PRO E 44 -17.74 23.77 1.80
N LYS E 45 -18.25 22.57 1.60
CA LYS E 45 -19.22 21.99 2.51
C LYS E 45 -18.70 20.65 3.04
N LEU E 46 -18.94 20.39 4.32
CA LEU E 46 -18.49 19.13 4.93
C LEU E 46 -19.46 18.00 4.58
N LEU E 47 -18.89 16.84 4.25
CA LEU E 47 -19.68 15.67 3.88
C LEU E 47 -19.50 14.52 4.86
N ILE E 48 -18.29 13.98 5.01
CA ILE E 48 -18.11 12.76 5.80
C ILE E 48 -16.92 12.94 6.74
N TYR E 49 -17.07 12.48 7.98
CA TYR E 49 -15.98 12.53 8.96
C TYR E 49 -15.78 11.16 9.60
N SER E 50 -14.54 10.92 10.03
CA SER E 50 -14.15 9.67 10.70
C SER E 50 -14.50 8.46 9.86
N ALA E 51 -14.49 8.65 8.54
CA ALA E 51 -14.77 7.64 7.53
C ALA E 51 -16.25 7.22 7.45
N SER E 52 -16.92 7.01 8.58
CA SER E 52 -18.24 6.37 8.59
C SER E 52 -19.40 7.28 8.98
N SER E 53 -19.17 8.58 9.14
CA SER E 53 -20.18 9.47 9.70
C SER E 53 -20.66 10.47 8.65
N LEU E 54 -21.97 10.53 8.46
CA LEU E 54 -22.61 11.42 7.52
C LEU E 54 -23.26 12.56 8.30
N TYR E 55 -22.86 13.79 7.99
CA TYR E 55 -23.46 14.94 8.63
C TYR E 55 -24.94 15.01 8.28
N SER E 56 -25.74 15.60 9.15
CA SER E 56 -27.16 15.74 8.84
C SER E 56 -27.32 16.54 7.56
N GLY E 57 -28.21 16.08 6.69
CA GLY E 57 -28.33 16.64 5.37
C GLY E 57 -27.41 16.03 4.34
N VAL E 58 -26.73 14.94 4.69
CA VAL E 58 -25.99 14.14 3.74
C VAL E 58 -26.84 12.93 3.41
N PRO E 59 -27.26 12.74 2.16
CA PRO E 59 -28.12 11.61 1.83
C PRO E 59 -27.40 10.28 1.97
N SER E 60 -28.21 9.24 2.12
CA SER E 60 -27.67 7.90 2.32
C SER E 60 -26.77 7.49 1.15
N ARG E 61 -27.00 8.05 -0.04
CA ARG E 61 -26.27 7.62 -1.24
C ARG E 61 -24.75 7.79 -1.09
N PHE E 62 -24.30 8.79 -0.33
CA PHE E 62 -22.88 9.00 -0.07
C PHE E 62 -22.39 8.08 1.04
N SER E 63 -21.22 7.47 0.85
CA SER E 63 -20.65 6.61 1.87
C SER E 63 -19.13 6.75 1.88
N GLY E 64 -18.52 6.50 3.04
CA GLY E 64 -17.07 6.51 3.17
C GLY E 64 -16.57 5.26 3.86
N SER E 65 -15.43 4.75 3.41
CA SER E 65 -14.93 3.46 3.87
C SER E 65 -13.40 3.50 4.05
N ARG E 66 -12.88 2.52 4.80
CA ARG E 66 -11.46 2.35 5.08
C ARG E 66 -11.00 0.94 4.76
N SER E 67 -9.83 0.82 4.10
CA SER E 67 -9.19 -0.48 3.86
C SER E 67 -7.71 -0.29 4.16
N GLY E 68 -7.35 -0.38 5.45
CA GLY E 68 -5.96 -0.23 5.82
C GLY E 68 -5.46 1.16 5.49
N THR E 69 -4.32 1.22 4.78
CA THR E 69 -3.75 2.50 4.37
C THR E 69 -4.69 3.26 3.44
N ASP E 70 -5.49 2.55 2.65
CA ASP E 70 -6.41 3.19 1.71
C ASP E 70 -7.63 3.77 2.44
N PHE E 71 -7.94 5.03 2.13
CA PHE E 71 -9.15 5.69 2.59
C PHE E 71 -10.03 5.98 1.37
N THR E 72 -11.24 5.45 1.35
CA THR E 72 -12.07 5.46 0.16
C THR E 72 -13.35 6.26 0.37
N LEU E 73 -13.79 6.92 -0.69
CA LEU E 73 -15.05 7.63 -0.77
C LEU E 73 -15.86 7.09 -1.93
N THR E 74 -17.12 6.75 -1.67
CA THR E 74 -17.98 6.05 -2.62
C THR E 74 -19.29 6.79 -2.79
N ILE E 75 -19.60 7.16 -4.03
CA ILE E 75 -20.94 7.63 -4.38
C ILE E 75 -21.61 6.55 -5.21
N SER E 76 -22.70 6.00 -4.69
CA SER E 76 -23.38 4.92 -5.39
C SER E 76 -23.97 5.39 -6.72
N SER E 77 -24.85 6.40 -6.68
CA SER E 77 -25.48 6.93 -7.88
C SER E 77 -25.29 8.43 -7.90
N LEU E 78 -24.65 8.92 -8.96
CA LEU E 78 -24.44 10.35 -9.10
C LEU E 78 -25.78 11.04 -9.32
N GLN E 79 -26.05 12.06 -8.50
CA GLN E 79 -27.23 12.91 -8.59
C GLN E 79 -26.83 14.29 -9.10
N PRO E 80 -27.71 14.97 -9.86
CA PRO E 80 -27.23 16.12 -10.65
C PRO E 80 -26.55 17.21 -9.86
N GLU E 81 -27.10 17.61 -8.70
CA GLU E 81 -26.50 18.67 -7.89
C GLU E 81 -25.10 18.32 -7.41
N ASP E 82 -24.73 17.02 -7.42
CA ASP E 82 -23.47 16.60 -6.81
C ASP E 82 -22.24 17.12 -7.54
N PHE E 83 -22.32 17.42 -8.84
CA PHE E 83 -21.14 17.86 -9.61
C PHE E 83 -20.39 18.98 -8.91
N ALA E 84 -19.10 18.75 -8.65
CA ALA E 84 -18.22 19.75 -8.05
C ALA E 84 -16.81 19.18 -7.85
N THR E 85 -15.98 19.90 -7.11
CA THR E 85 -14.68 19.37 -6.69
C THR E 85 -14.78 18.86 -5.26
N TYR E 86 -14.07 17.77 -4.98
CA TYR E 86 -14.13 17.17 -3.65
C TYR E 86 -12.73 16.94 -3.13
N TYR E 87 -12.53 17.19 -1.84
CA TYR E 87 -11.20 17.10 -1.27
C TYR E 87 -11.24 16.22 -0.03
N CYS E 88 -10.14 15.47 0.18
CA CYS E 88 -10.01 14.60 1.34
C CYS E 88 -9.06 15.25 2.33
N GLN E 89 -9.36 15.05 3.60
CA GLN E 89 -8.67 15.68 4.71
C GLN E 89 -8.27 14.63 5.72
N GLN E 90 -7.01 14.66 6.14
CA GLN E 90 -6.56 13.89 7.28
C GLN E 90 -6.16 14.90 8.35
N GLY E 91 -6.79 14.83 9.52
CA GLY E 91 -6.48 15.75 10.59
C GLY E 91 -7.61 15.85 11.62
N TYR E 92 -7.37 16.72 12.61
CA TYR E 92 -8.25 16.87 13.77
C TYR E 92 -8.74 18.30 13.93
N GLY E 93 -9.06 18.69 15.17
CA GLY E 93 -9.23 20.10 15.47
C GLY E 93 -7.93 20.87 15.47
N TRP E 94 -6.81 20.19 15.71
CA TRP E 94 -5.48 20.73 15.57
C TRP E 94 -4.83 20.12 14.32
N LEU E 95 -3.86 20.83 13.76
CA LEU E 95 -3.08 20.35 12.61
C LEU E 95 -3.99 20.21 11.40
N ILE E 96 -4.08 19.03 10.77
CA ILE E 96 -4.75 18.72 9.50
C ILE E 96 -3.95 19.24 8.32
N THR E 97 -4.08 18.55 7.18
CA THR E 97 -3.60 18.97 5.89
C THR E 97 -4.59 18.41 4.89
N PHE E 98 -4.44 18.79 3.62
CA PHE E 98 -5.36 18.38 2.59
C PHE E 98 -4.65 17.64 1.48
N GLY E 99 -5.41 16.80 0.80
CA GLY E 99 -4.93 16.21 -0.42
C GLY E 99 -5.29 17.10 -1.60
N GLN E 100 -4.57 16.90 -2.71
CA GLN E 100 -4.78 17.69 -3.92
C GLN E 100 -6.25 17.81 -4.32
N GLY E 101 -7.10 16.90 -3.88
CA GLY E 101 -8.50 16.93 -4.24
C GLY E 101 -8.75 16.27 -5.57
N THR E 102 -10.00 15.89 -5.80
CA THR E 102 -10.37 15.18 -7.01
C THR E 102 -11.52 15.92 -7.68
N LYS E 103 -11.29 16.39 -8.89
CA LYS E 103 -12.31 17.04 -9.70
C LYS E 103 -13.23 16.01 -10.35
N VAL E 104 -14.53 16.31 -10.33
CA VAL E 104 -15.56 15.48 -10.95
C VAL E 104 -16.19 16.27 -12.09
N GLU E 105 -16.47 15.58 -13.20
CA GLU E 105 -17.21 16.13 -14.33
C GLU E 105 -18.39 15.24 -14.65
N ILE E 106 -19.39 15.82 -15.30
CA ILE E 106 -20.55 15.08 -15.77
C ILE E 106 -20.34 14.81 -17.26
N LYS E 107 -20.29 13.52 -17.61
CA LYS E 107 -20.07 13.10 -18.99
C LYS E 107 -21.40 13.04 -19.72
N ARG E 108 -21.48 13.77 -20.83
CA ARG E 108 -22.76 13.99 -21.49
C ARG E 108 -22.67 13.75 -22.99
N THR E 109 -23.72 14.13 -23.71
CA THR E 109 -23.84 13.90 -25.15
C THR E 109 -22.70 14.57 -25.91
N VAL E 110 -22.43 14.03 -27.12
CA VAL E 110 -21.53 14.64 -28.09
C VAL E 110 -22.14 15.99 -28.50
N ALA E 111 -21.48 17.07 -28.10
CA ALA E 111 -22.04 18.42 -28.21
C ALA E 111 -21.31 19.21 -29.29
N ALA E 112 -22.06 19.67 -30.29
CA ALA E 112 -21.49 20.47 -31.37
C ALA E 112 -21.01 21.83 -30.84
N PRO E 113 -19.84 22.30 -31.28
CA PRO E 113 -19.36 23.63 -30.89
C PRO E 113 -19.84 24.74 -31.80
N SER E 114 -19.93 25.94 -31.24
CA SER E 114 -20.40 27.07 -32.05
C SER E 114 -19.21 27.99 -32.30
N VAL E 115 -19.21 28.70 -33.43
CA VAL E 115 -18.04 29.55 -33.78
C VAL E 115 -18.51 30.97 -34.08
N PHE E 116 -17.81 31.95 -33.55
CA PHE E 116 -18.18 33.34 -33.93
C PHE E 116 -16.89 34.12 -34.24
N ILE E 117 -16.94 35.03 -35.20
CA ILE E 117 -15.72 35.76 -35.66
C ILE E 117 -15.15 36.70 -34.61
N PHE E 118 -15.98 37.53 -33.99
CA PHE E 118 -15.55 38.49 -32.93
C PHE E 118 -14.36 39.38 -33.26
N PRO E 119 -14.50 40.33 -34.22
CA PRO E 119 -13.42 41.25 -34.58
C PRO E 119 -13.12 42.29 -33.51
N PRO E 120 -11.99 43.01 -33.56
CA PRO E 120 -11.58 43.92 -32.48
C PRO E 120 -12.31 45.26 -32.36
N SER E 121 -12.02 46.02 -31.30
CA SER E 121 -12.77 47.28 -31.01
C SER E 121 -12.17 48.55 -31.62
N ASP E 122 -13.02 49.33 -32.27
CA ASP E 122 -12.56 50.62 -32.79
C ASP E 122 -12.09 51.55 -31.67
N SER E 123 -12.75 51.50 -30.52
CA SER E 123 -12.32 52.34 -29.40
C SER E 123 -11.03 51.81 -28.78
N GLN E 124 -10.72 50.53 -28.99
CA GLN E 124 -9.40 50.03 -28.60
C GLN E 124 -8.37 50.56 -29.58
N LEU E 125 -8.73 50.67 -30.85
CA LEU E 125 -7.86 51.37 -31.79
C LEU E 125 -7.67 52.81 -31.38
N LYS E 126 -8.69 53.42 -30.75
CA LYS E 126 -8.51 54.73 -30.14
C LYS E 126 -7.51 54.67 -29.00
N SER E 127 -7.57 53.59 -28.20
CA SER E 127 -6.61 53.44 -27.11
C SER E 127 -5.20 53.17 -27.61
N GLY E 128 -5.05 52.68 -28.84
CA GLY E 128 -3.76 52.34 -29.41
C GLY E 128 -3.32 50.90 -29.24
N THR E 129 -3.95 50.13 -28.35
CA THR E 129 -3.74 48.69 -28.28
C THR E 129 -5.11 48.01 -28.41
N ALA E 130 -5.22 47.09 -29.36
CA ALA E 130 -6.48 46.45 -29.68
C ALA E 130 -6.25 44.96 -29.90
N SER E 131 -7.32 44.19 -29.78
CA SER E 131 -7.23 42.74 -29.85
C SER E 131 -8.56 42.15 -30.31
N VAL E 132 -8.49 40.91 -30.79
CA VAL E 132 -9.61 40.23 -31.44
C VAL E 132 -9.96 38.98 -30.64
N VAL E 133 -11.10 38.37 -30.96
CA VAL E 133 -11.57 37.20 -30.21
C VAL E 133 -12.37 36.28 -31.12
N CYS E 134 -12.25 34.96 -30.87
CA CYS E 134 -13.11 33.93 -31.47
C CYS E 134 -13.79 33.16 -30.35
N LEU E 135 -15.12 32.99 -30.46
CA LEU E 135 -15.95 32.43 -29.39
C LEU E 135 -16.44 31.03 -29.70
N LEU E 136 -16.50 30.17 -28.67
CA LEU E 136 -17.09 28.84 -28.76
C LEU E 136 -18.15 28.69 -27.68
N ASN E 137 -19.31 28.12 -28.05
CA ASN E 137 -20.42 28.01 -27.11
C ASN E 137 -20.97 26.59 -27.10
N ASN E 138 -21.20 26.06 -25.88
CA ASN E 138 -21.94 24.83 -25.65
C ASN E 138 -21.39 23.66 -26.48
N PHE E 139 -20.22 23.17 -26.07
CA PHE E 139 -19.60 22.03 -26.73
C PHE E 139 -19.14 21.02 -25.69
N TYR E 140 -18.88 19.79 -26.15
CA TYR E 140 -18.42 18.72 -25.30
C TYR E 140 -17.70 17.70 -26.17
N PRO E 141 -16.61 17.07 -25.70
CA PRO E 141 -15.93 17.29 -24.42
C PRO E 141 -15.10 18.58 -24.35
N ARG E 142 -14.68 18.94 -23.14
CA ARG E 142 -13.97 20.21 -22.94
C ARG E 142 -12.67 20.27 -23.75
N GLU E 143 -11.85 19.23 -23.66
CA GLU E 143 -10.55 19.27 -24.33
C GLU E 143 -10.76 19.28 -25.85
N ALA E 144 -10.55 20.46 -26.45
CA ALA E 144 -10.67 20.59 -27.91
C ALA E 144 -9.97 21.83 -28.47
N LYS E 145 -8.95 22.38 -27.77
CA LYS E 145 -8.31 23.62 -28.16
C LYS E 145 -7.46 23.43 -29.42
N VAL E 146 -7.56 24.37 -30.35
CA VAL E 146 -6.81 24.29 -31.60
C VAL E 146 -6.76 25.66 -32.28
N GLN E 147 -5.71 25.86 -33.09
CA GLN E 147 -5.48 26.95 -34.02
C GLN E 147 -5.11 28.31 -33.43
N TRP E 148 -4.29 29.05 -34.21
CA TRP E 148 -3.90 30.42 -33.91
C TRP E 148 -4.35 31.22 -35.13
N LYS E 149 -5.19 30.64 -36.02
CA LYS E 149 -5.53 31.17 -37.34
C LYS E 149 -4.35 31.05 -38.30
N VAL E 150 -4.62 31.08 -39.63
CA VAL E 150 -3.63 30.80 -40.66
C VAL E 150 -3.29 31.89 -41.68
N ASP E 151 -2.39 31.51 -42.61
CA ASP E 151 -1.82 32.35 -43.67
C ASP E 151 -1.20 33.58 -43.01
N ASN E 152 -1.71 34.77 -43.30
CA ASN E 152 -1.29 36.03 -42.70
C ASN E 152 -1.20 35.99 -41.16
N ALA E 153 -1.80 34.98 -40.54
CA ALA E 153 -1.95 34.85 -39.10
C ALA E 153 -1.49 33.50 -38.56
N LEU E 154 -0.71 32.73 -39.32
CA LEU E 154 -0.15 31.51 -38.75
C LEU E 154 0.79 31.94 -37.64
N GLN E 155 0.46 31.57 -36.41
CA GLN E 155 1.17 32.11 -35.26
C GLN E 155 1.25 31.04 -34.17
N SER E 156 1.98 31.38 -33.12
CA SER E 156 2.06 30.60 -31.88
C SER E 156 2.72 31.46 -30.82
N GLY E 157 2.48 31.12 -29.56
CA GLY E 157 3.12 31.80 -28.46
C GLY E 157 2.57 33.17 -28.11
N ASN E 158 1.55 33.64 -28.82
CA ASN E 158 1.08 35.01 -28.69
C ASN E 158 -0.36 35.12 -28.26
N SER E 159 -1.06 34.00 -28.15
CA SER E 159 -2.49 33.96 -27.91
C SER E 159 -2.78 33.32 -26.55
N GLN E 160 -3.82 33.81 -25.89
CA GLN E 160 -4.29 33.24 -24.64
C GLN E 160 -5.79 32.97 -24.70
N GLU E 161 -6.19 31.88 -24.03
CA GLU E 161 -7.53 31.32 -24.11
C GLU E 161 -8.06 30.98 -22.72
N SER E 162 -9.38 31.09 -22.56
CA SER E 162 -10.07 30.80 -21.30
C SER E 162 -11.18 29.77 -21.49
N VAL E 163 -11.45 29.02 -20.42
CA VAL E 163 -12.35 27.87 -20.44
C VAL E 163 -13.47 28.09 -19.44
N THR E 164 -14.72 27.90 -19.88
CA THR E 164 -15.86 28.03 -18.99
C THR E 164 -15.91 26.88 -18.01
N GLU E 165 -16.47 27.15 -16.83
CA GLU E 165 -16.86 26.03 -16.03
C GLU E 165 -18.24 25.59 -16.49
N GLN E 166 -18.62 24.37 -16.13
CA GLN E 166 -19.85 23.79 -16.68
C GLN E 166 -21.11 24.54 -16.28
N ASP E 167 -21.97 24.81 -17.26
CA ASP E 167 -23.32 25.28 -16.99
C ASP E 167 -24.17 24.04 -16.72
N SER E 168 -24.94 24.06 -15.63
CA SER E 168 -25.68 22.86 -15.21
C SER E 168 -26.72 22.43 -16.23
N LYS E 169 -27.52 23.38 -16.75
CA LYS E 169 -28.56 23.00 -17.71
C LYS E 169 -27.94 22.59 -19.03
N ASP E 170 -27.00 23.39 -19.53
CA ASP E 170 -26.33 23.04 -20.77
C ASP E 170 -25.53 21.75 -20.60
N SER E 171 -24.91 21.57 -19.43
CA SER E 171 -23.97 20.49 -19.15
C SER E 171 -22.81 20.52 -20.14
N THR E 172 -22.52 21.71 -20.63
CA THR E 172 -21.58 21.93 -21.71
C THR E 172 -20.48 22.88 -21.28
N TYR E 173 -19.63 23.23 -22.25
CA TYR E 173 -18.50 24.12 -22.06
C TYR E 173 -18.51 25.16 -23.16
N SER E 174 -17.93 26.31 -22.85
CA SER E 174 -17.74 27.40 -23.79
C SER E 174 -16.30 27.91 -23.65
N LEU E 175 -15.73 28.40 -24.76
CA LEU E 175 -14.31 28.73 -24.78
C LEU E 175 -14.04 30.09 -25.39
N SER E 176 -13.04 30.75 -24.83
CA SER E 176 -12.60 32.09 -25.19
C SER E 176 -11.27 32.03 -25.94
N SER E 177 -11.25 32.53 -27.18
CA SER E 177 -10.01 32.70 -27.93
C SER E 177 -9.71 34.19 -27.95
N THR E 178 -8.80 34.61 -27.09
CA THR E 178 -8.36 36.00 -27.05
C THR E 178 -7.08 36.09 -27.86
N LEU E 179 -7.13 36.80 -28.97
CA LEU E 179 -5.96 37.00 -29.83
C LEU E 179 -5.45 38.39 -29.48
N THR E 180 -4.29 38.42 -28.82
CA THR E 180 -3.69 39.66 -28.33
C THR E 180 -2.47 40.02 -29.17
N TYR E 186 0.08 48.27 -33.71
CA TYR E 186 0.83 47.12 -34.21
C TYR E 186 -0.21 46.26 -34.92
N GLU E 187 -0.19 46.25 -36.26
CA GLU E 187 -1.28 45.60 -36.98
C GLU E 187 -1.02 45.25 -38.44
N LYS E 188 -2.04 45.47 -39.28
CA LYS E 188 -2.08 45.24 -40.72
C LYS E 188 -2.36 43.77 -41.05
N HIS E 189 -2.22 43.39 -42.33
CA HIS E 189 -2.51 42.02 -42.80
C HIS E 189 -4.00 41.74 -42.71
N LYS E 190 -4.45 40.55 -43.13
CA LYS E 190 -5.88 40.30 -43.34
C LYS E 190 -6.35 39.00 -42.68
N VAL E 191 -7.36 39.09 -41.82
CA VAL E 191 -7.95 37.94 -41.12
C VAL E 191 -9.40 38.29 -40.76
N TYR E 192 -10.34 37.37 -41.04
CA TYR E 192 -11.76 37.67 -40.86
C TYR E 192 -12.65 36.43 -40.71
N ALA E 193 -12.09 35.23 -40.56
CA ALA E 193 -12.91 34.07 -40.26
C ALA E 193 -12.12 33.07 -39.42
N CYS E 194 -12.85 32.26 -38.63
CA CYS E 194 -12.22 31.41 -37.63
C CYS E 194 -12.38 29.94 -37.98
N GLU E 195 -11.30 29.17 -37.77
CA GLU E 195 -11.34 27.71 -37.86
C GLU E 195 -10.63 27.08 -36.67
N VAL E 196 -11.21 26.00 -36.14
CA VAL E 196 -10.64 25.15 -35.09
C VAL E 196 -11.15 23.73 -35.32
N THR E 197 -10.63 22.79 -34.52
CA THR E 197 -10.98 21.37 -34.62
C THR E 197 -11.62 20.85 -33.33
N HIS E 198 -12.65 20.02 -33.51
CA HIS E 198 -13.38 19.39 -32.41
C HIS E 198 -13.97 18.08 -32.91
N GLN E 199 -14.55 17.33 -31.98
CA GLN E 199 -15.24 16.09 -32.29
C GLN E 199 -16.32 16.29 -33.35
N GLY E 200 -16.93 17.48 -33.40
CA GLY E 200 -18.12 17.67 -34.21
C GLY E 200 -17.94 17.38 -35.69
N LEU E 201 -16.81 17.75 -36.27
CA LEU E 201 -16.68 17.60 -37.72
C LEU E 201 -15.21 17.63 -38.13
N SER E 202 -14.97 17.75 -39.43
CA SER E 202 -13.61 17.84 -39.95
C SER E 202 -12.87 19.04 -39.39
N SER E 203 -13.50 20.22 -39.43
CA SER E 203 -12.91 21.44 -38.86
C SER E 203 -13.93 22.60 -38.84
N HIS F 4 1.39 -1.04 9.10
CA HIS F 4 2.06 -2.12 9.88
C HIS F 4 3.06 -1.49 10.84
N LYS F 5 3.00 -0.17 11.00
CA LYS F 5 3.97 0.53 11.89
C LYS F 5 3.67 0.22 13.35
N HIS F 6 4.71 0.17 14.20
CA HIS F 6 4.54 -0.17 15.64
C HIS F 6 4.89 1.05 16.48
N THR F 7 4.32 1.18 17.66
CA THR F 7 4.74 2.34 18.47
C THR F 7 4.56 2.09 19.96
N PHE F 8 5.18 2.94 20.78
CA PHE F 8 5.10 2.77 22.25
C PHE F 8 4.82 4.12 22.88
N ILE F 9 4.12 4.12 24.01
CA ILE F 9 3.76 5.39 24.69
C ILE F 9 4.30 5.34 26.10
N VAL F 10 4.96 6.39 26.52
CA VAL F 10 5.63 6.35 27.85
C VAL F 10 5.16 7.51 28.70
N LEU F 11 4.86 7.24 29.96
CA LEU F 11 4.52 8.34 30.89
C LEU F 11 5.50 8.27 32.05
N TYR F 12 6.07 9.40 32.43
CA TYR F 12 7.07 9.37 33.51
C TYR F 12 6.54 10.18 34.68
N VAL F 13 6.51 9.55 35.85
CA VAL F 13 6.03 10.27 37.02
C VAL F 13 7.08 10.16 38.11
N ASP F 14 7.59 11.31 38.56
CA ASP F 14 8.50 11.38 39.69
C ASP F 14 7.89 12.25 40.77
N PHE F 15 7.97 11.78 42.01
CA PHE F 15 7.55 12.57 43.16
C PHE F 15 8.54 12.36 44.30
N LYS F 16 8.67 13.37 45.16
CA LYS F 16 9.55 13.19 46.35
C LYS F 16 9.00 14.02 47.50
N PRO F 17 8.88 13.44 48.72
CA PRO F 17 8.28 14.15 49.85
C PRO F 17 9.16 15.22 50.49
N GLN F 18 8.54 16.15 51.21
CA GLN F 18 9.34 17.15 51.93
C GLN F 18 9.98 16.45 53.12
N SER F 19 11.31 16.54 53.25
CA SER F 19 11.99 15.93 54.40
C SER F 19 12.15 17.01 55.46
N GLY F 20 11.70 18.22 55.15
CA GLY F 20 11.90 19.35 56.08
C GLY F 20 11.21 19.09 57.41
N GLY F 21 11.90 19.38 58.51
CA GLY F 21 11.25 19.26 59.82
C GLY F 21 10.16 20.30 59.94
N GLY F 22 9.08 19.97 60.64
CA GLY F 22 8.02 20.98 60.84
C GLY F 22 7.25 21.17 59.56
N LYS F 23 7.45 20.26 58.61
CA LYS F 23 6.67 20.32 57.35
C LYS F 23 5.85 19.03 57.28
N CYS F 24 4.58 19.14 56.94
CA CYS F 24 3.72 17.93 57.00
C CYS F 24 4.26 16.89 56.02
N PHE F 25 4.56 15.70 56.53
CA PHE F 25 5.10 14.64 55.66
C PHE F 25 3.99 14.21 54.70
N ASN F 26 2.79 14.07 55.22
CA ASN F 26 1.70 13.52 54.38
C ASN F 26 1.01 14.65 53.63
N CYS F 27 1.71 15.29 52.70
CA CYS F 27 1.12 16.44 51.98
C CYS F 27 1.59 16.38 50.52
N TYR F 28 0.94 17.13 49.64
CA TYR F 28 1.29 17.06 48.20
C TYR F 28 2.79 17.31 48.10
N PRO F 29 3.54 16.42 47.43
CA PRO F 29 4.97 16.62 47.27
C PRO F 29 5.28 17.71 46.25
N ALA F 30 6.17 18.63 46.61
CA ALA F 30 6.57 19.72 45.69
C ALA F 30 7.32 19.12 44.52
N GLY F 31 8.14 18.12 44.78
CA GLY F 31 8.94 17.62 43.66
C GLY F 31 8.05 16.77 42.80
N VAL F 32 7.70 17.30 41.63
CA VAL F 32 6.82 16.55 40.70
C VAL F 32 7.54 16.54 39.37
N ASN F 33 7.79 15.38 38.76
CA ASN F 33 8.40 15.44 37.41
C ASN F 33 7.53 14.66 36.44
N ILE F 34 6.32 15.16 36.22
CA ILE F 34 5.49 14.50 35.20
C ILE F 34 6.25 14.66 33.89
N THR F 35 6.35 13.61 33.10
CA THR F 35 6.97 13.76 31.78
C THR F 35 6.22 12.88 30.80
N LEU F 36 6.02 13.33 29.56
CA LEU F 36 5.26 12.56 28.55
C LEU F 36 6.11 12.44 27.29
N ALA F 37 6.11 11.28 26.65
CA ALA F 37 7.04 11.07 25.52
C ALA F 37 6.74 11.96 24.33
N ASN F 38 7.78 12.54 23.75
CA ASN F 38 7.61 13.29 22.48
C ASN F 38 6.50 14.32 22.62
N PHE F 39 6.39 15.01 23.75
CA PHE F 39 5.25 15.94 23.85
C PHE F 39 5.74 17.35 24.08
N ASN F 40 5.24 18.30 23.31
CA ASN F 40 5.60 19.71 23.59
C ASN F 40 4.28 20.44 23.80
N GLU F 41 4.28 21.41 24.70
CA GLU F 41 3.03 22.17 24.85
C GLU F 41 2.80 22.80 23.48
N THR F 42 3.89 23.26 22.89
CA THR F 42 3.79 23.85 21.55
C THR F 42 3.34 22.74 20.60
N LYS F 43 3.91 21.56 20.78
CA LYS F 43 3.59 20.50 19.81
C LYS F 43 2.10 20.30 19.93
N GLY F 44 1.60 20.41 21.14
CA GLY F 44 0.18 20.12 21.33
C GLY F 44 -0.02 18.62 21.38
N PRO F 45 -1.23 18.13 21.12
CA PRO F 45 -1.50 16.72 21.27
C PRO F 45 -0.63 15.83 20.40
N LEU F 46 -0.24 14.67 20.93
CA LEU F 46 0.54 13.71 20.12
C LEU F 46 -0.41 12.59 19.76
N CYS F 47 -0.43 12.25 18.48
CA CYS F 47 -1.37 11.23 18.01
C CYS F 47 -0.59 10.01 17.54
N VAL F 48 -1.04 8.82 17.93
CA VAL F 48 -0.38 7.59 17.43
C VAL F 48 -0.58 7.59 15.93
N ASP F 49 0.49 7.36 15.20
CA ASP F 49 0.36 7.42 13.74
C ASP F 49 0.65 6.04 13.18
N THR F 50 0.73 5.02 14.05
CA THR F 50 1.15 3.68 13.58
C THR F 50 0.09 2.64 13.91
N SER F 51 0.06 1.57 13.13
CA SER F 51 -1.01 0.57 13.33
C SER F 51 -0.88 -0.04 14.70
N HIS F 52 0.35 -0.21 15.15
CA HIS F 52 0.52 -0.94 16.42
C HIS F 52 0.99 0.00 17.52
N PHE F 53 0.39 -0.11 18.70
CA PHE F 53 0.78 0.75 19.84
C PHE F 53 0.76 -0.06 21.14
N THR F 54 1.47 0.43 22.17
CA THR F 54 1.49 -0.27 23.48
C THR F 54 1.65 0.77 24.59
N THR F 55 1.21 0.47 25.81
CA THR F 55 1.26 1.49 26.88
C THR F 55 1.94 0.94 28.12
N LYS F 56 2.59 1.81 28.90
CA LYS F 56 3.23 1.35 30.15
C LYS F 56 3.40 2.52 31.12
N TYR F 57 3.67 2.22 32.38
CA TYR F 57 3.81 3.27 33.41
C TYR F 57 5.23 3.19 33.96
N VAL F 58 5.87 4.32 34.18
CA VAL F 58 7.28 4.33 34.65
C VAL F 58 7.37 4.95 36.04
N ALA F 59 7.92 4.21 36.99
CA ALA F 59 8.06 4.73 38.37
C ALA F 59 9.36 5.50 38.47
N VAL F 60 9.38 6.71 37.92
CA VAL F 60 10.63 7.50 38.11
C VAL F 60 10.71 7.62 39.60
N TYR F 61 9.56 7.73 40.22
CA TYR F 61 9.54 7.89 41.68
C TYR F 61 10.26 6.71 42.31
N ALA F 62 11.02 7.00 43.36
CA ALA F 62 11.81 5.96 44.05
C ALA F 62 10.94 5.19 45.03
N ASN F 63 11.48 4.10 45.59
CA ASN F 63 10.74 3.38 46.64
C ASN F 63 11.00 4.18 47.91
N VAL F 64 10.63 5.45 47.85
CA VAL F 64 10.93 6.31 49.01
C VAL F 64 9.69 6.32 49.88
N GLY F 65 9.78 5.70 51.04
CA GLY F 65 8.64 5.78 51.96
C GLY F 65 7.49 4.93 51.51
N ARG F 66 6.32 5.15 52.10
CA ARG F 66 5.16 4.29 51.80
C ARG F 66 4.25 5.02 50.84
N TRP F 67 4.72 6.12 50.26
CA TRP F 67 3.80 6.91 49.42
C TRP F 67 3.29 6.04 48.27
N SER F 68 2.01 6.16 47.89
CA SER F 68 1.40 5.27 46.87
C SER F 68 0.91 6.06 45.66
N ALA F 69 1.18 5.60 44.44
CA ALA F 69 0.81 6.36 43.20
C ALA F 69 -0.04 5.52 42.25
N SER F 70 -1.04 6.12 41.61
CA SER F 70 -1.95 5.33 40.75
C SER F 70 -2.48 6.13 39.56
N ILE F 71 -2.76 5.43 38.46
CA ILE F 71 -3.41 6.11 37.30
C ILE F 71 -4.81 5.55 37.33
N ASN F 72 -5.79 6.41 37.47
CA ASN F 72 -7.14 5.83 37.64
C ASN F 72 -7.98 6.09 36.40
N THR F 73 -8.66 5.05 35.99
CA THR F 73 -9.59 5.26 34.87
C THR F 73 -10.58 6.26 35.41
N GLY F 74 -10.93 7.23 34.58
CA GLY F 74 -11.94 8.18 35.02
C GLY F 74 -12.99 8.32 33.96
N ASN F 75 -13.09 9.51 33.39
CA ASN F 75 -14.15 9.76 32.40
C ASN F 75 -13.90 8.76 31.29
N CYS F 76 -12.64 8.53 30.98
CA CYS F 76 -12.40 7.65 29.83
C CYS F 76 -13.06 6.32 30.10
N PRO F 77 -13.83 5.81 29.14
CA PRO F 77 -14.40 4.51 29.31
C PRO F 77 -13.20 3.58 29.35
N PHE F 78 -12.21 3.88 28.53
CA PHE F 78 -11.07 2.94 28.44
C PHE F 78 -10.27 2.96 29.74
N SER F 79 -9.50 1.90 29.99
CA SER F 79 -8.64 1.86 31.20
C SER F 79 -7.19 1.78 30.78
N PHE F 80 -6.32 2.48 31.50
CA PHE F 80 -4.94 2.42 31.01
C PHE F 80 -4.53 0.98 31.06
N GLY F 81 -3.94 0.52 29.97
CA GLY F 81 -3.42 -0.85 29.91
C GLY F 81 -4.51 -1.76 29.44
N LYS F 82 -5.75 -1.34 29.63
CA LYS F 82 -6.81 -2.17 29.05
C LYS F 82 -6.54 -2.06 27.57
N VAL F 83 -6.04 -0.88 27.18
CA VAL F 83 -5.83 -0.65 25.75
C VAL F 83 -4.88 -1.71 25.27
N ASN F 84 -3.86 -1.97 26.06
CA ASN F 84 -2.84 -2.91 25.57
C ASN F 84 -3.54 -4.22 25.33
N ASN F 85 -4.64 -4.46 26.03
CA ASN F 85 -5.27 -5.78 25.91
C ASN F 85 -6.07 -5.83 24.62
N PHE F 86 -5.38 -5.63 23.49
CA PHE F 86 -6.04 -5.80 22.19
C PHE F 86 -7.30 -4.96 22.06
N VAL F 87 -7.28 -3.72 22.52
CA VAL F 87 -8.49 -2.89 22.26
C VAL F 87 -8.43 -2.44 20.80
N LYS F 88 -9.54 -2.01 20.26
CA LYS F 88 -9.51 -1.48 18.88
C LYS F 88 -9.81 0.01 18.95
N PHE F 89 -8.94 0.83 18.38
CA PHE F 89 -9.27 2.27 18.36
C PHE F 89 -9.15 2.82 16.95
N GLY F 90 -10.16 3.56 16.49
CA GLY F 90 -10.03 4.23 15.18
C GLY F 90 -8.98 5.31 15.21
N SER F 91 -8.97 6.11 16.27
CA SER F 91 -7.88 7.10 16.40
C SER F 91 -7.75 7.52 17.85
N VAL F 92 -6.53 7.85 18.24
CA VAL F 92 -6.31 8.19 19.65
C VAL F 92 -5.09 9.09 19.69
N CYS F 93 -5.04 10.00 20.66
CA CYS F 93 -3.84 10.85 20.82
C CYS F 93 -3.72 11.20 22.29
N PHE F 94 -2.57 11.70 22.73
CA PHE F 94 -2.43 11.97 24.18
C PHE F 94 -1.79 13.32 24.42
N SER F 95 -2.15 13.98 25.52
CA SER F 95 -1.51 15.27 25.91
C SER F 95 -1.77 15.59 27.37
N LEU F 96 -0.92 16.41 27.98
CA LEU F 96 -1.16 16.82 29.38
C LEU F 96 -2.10 18.01 29.31
N LYS F 97 -2.24 18.57 28.13
CA LYS F 97 -3.23 19.67 28.05
C LYS F 97 -4.58 19.01 27.90
N ASP F 98 -5.55 19.47 28.65
CA ASP F 98 -6.89 18.92 28.42
C ASP F 98 -7.27 19.27 27.00
N ILE F 99 -7.89 18.32 26.32
CA ILE F 99 -8.40 18.66 24.98
C ILE F 99 -9.90 18.42 25.09
N PRO F 100 -10.73 19.30 24.55
CA PRO F 100 -12.17 19.15 24.73
C PRO F 100 -12.67 17.87 24.09
N GLY F 101 -13.73 17.31 24.65
CA GLY F 101 -14.29 16.05 24.12
C GLY F 101 -13.35 14.96 24.53
N GLY F 102 -12.45 15.32 25.44
CA GLY F 102 -11.43 14.36 25.84
C GLY F 102 -11.63 13.96 27.26
N CYS F 103 -11.62 12.65 27.47
CA CYS F 103 -11.79 12.15 28.84
C CYS F 103 -10.48 12.37 29.58
N ALA F 104 -10.56 12.33 30.90
CA ALA F 104 -9.36 12.60 31.70
C ALA F 104 -9.05 11.40 32.60
N MET F 105 -7.83 10.88 32.54
CA MET F 105 -7.46 9.82 33.49
C MET F 105 -6.54 10.52 34.45
N PRO F 106 -6.90 10.61 35.73
CA PRO F 106 -6.09 11.37 36.66
C PRO F 106 -4.78 10.80 37.18
N ILE F 107 -3.84 11.70 37.44
CA ILE F 107 -2.59 11.25 38.09
C ILE F 107 -2.89 11.46 39.56
N VAL F 108 -3.02 10.38 40.30
CA VAL F 108 -3.44 10.59 41.71
C VAL F 108 -2.62 9.68 42.61
N ALA F 109 -2.40 10.10 43.85
CA ALA F 109 -1.53 9.30 44.74
C ALA F 109 -1.81 9.59 46.21
N ASN F 110 -1.41 8.68 47.10
CA ASN F 110 -1.56 8.95 48.55
C ASN F 110 -0.47 8.28 49.36
N TRP F 111 0.06 8.97 50.38
CA TRP F 111 1.00 8.30 51.30
C TRP F 111 0.13 7.27 51.98
N ALA F 112 0.59 6.03 52.05
CA ALA F 112 -0.30 5.01 52.59
C ALA F 112 -1.56 5.19 51.79
N TYR F 113 -2.65 5.49 52.48
CA TYR F 113 -3.89 5.77 51.72
C TYR F 113 -4.71 6.82 52.46
N SER F 114 -4.27 7.29 53.62
CA SER F 114 -5.13 8.21 54.40
C SER F 114 -5.37 9.50 53.64
N LYS F 115 -4.35 10.03 52.98
CA LYS F 115 -4.56 11.35 52.35
C LYS F 115 -4.37 11.27 50.84
N TYR F 116 -5.45 11.12 50.11
CA TYR F 116 -5.37 11.16 48.64
C TYR F 116 -4.97 12.57 48.25
N TYR F 117 -4.14 12.73 47.23
CA TYR F 117 -3.86 14.09 46.72
C TYR F 117 -3.97 14.03 45.19
N THR F 118 -4.54 15.05 44.56
CA THR F 118 -4.75 14.98 43.09
C THR F 118 -3.50 15.52 42.40
N ILE F 119 -2.58 14.65 42.05
CA ILE F 119 -1.29 15.14 41.51
C ILE F 119 -1.45 15.80 40.15
N GLY F 120 -2.15 15.14 39.24
CA GLY F 120 -2.16 15.69 37.87
C GLY F 120 -3.21 15.04 37.00
N SER F 121 -3.30 15.47 35.76
CA SER F 121 -4.38 14.94 34.90
C SER F 121 -3.89 14.54 33.53
N LEU F 122 -4.04 13.28 33.15
CA LEU F 122 -3.71 12.91 31.75
C LEU F 122 -4.92 13.26 30.92
N TYR F 123 -4.73 13.51 29.64
CA TYR F 123 -5.91 13.76 28.78
C TYR F 123 -5.76 12.98 27.49
N VAL F 124 -6.87 12.64 26.84
CA VAL F 124 -6.78 11.79 25.62
C VAL F 124 -8.03 11.98 24.78
N SER F 125 -7.96 11.66 23.48
CA SER F 125 -9.10 11.87 22.56
C SER F 125 -9.58 10.55 21.98
N TRP F 126 -10.89 10.40 21.83
CA TRP F 126 -11.42 9.10 21.36
C TRP F 126 -11.96 9.20 19.95
N SER F 127 -11.48 8.36 19.06
CA SER F 127 -12.12 8.30 17.73
C SER F 127 -12.44 6.84 17.50
N ASP F 128 -13.71 6.46 17.56
CA ASP F 128 -14.02 5.01 17.47
C ASP F 128 -13.69 4.51 16.07
N GLY F 129 -13.05 3.34 15.94
CA GLY F 129 -12.84 2.79 14.59
C GLY F 129 -11.87 1.62 14.50
N ASP F 130 -11.57 1.18 13.28
CA ASP F 130 -10.68 0.03 13.05
C ASP F 130 -9.44 0.49 12.31
N GLY F 131 -8.27 0.04 12.76
CA GLY F 131 -7.01 0.45 12.12
C GLY F 131 -5.90 0.56 13.14
N ILE F 132 -6.22 1.04 14.33
CA ILE F 132 -5.12 1.23 15.31
C ILE F 132 -5.31 0.21 16.41
N THR F 133 -4.26 -0.51 16.77
CA THR F 133 -4.45 -1.61 17.73
C THR F 133 -3.40 -1.57 18.82
N GLY F 134 -3.69 -2.16 19.97
CA GLY F 134 -2.76 -2.07 21.11
C GLY F 134 -2.31 -3.42 21.59
N VAL F 135 -1.04 -3.52 21.98
CA VAL F 135 -0.48 -4.84 22.37
C VAL F 135 0.06 -4.72 23.77
N PRO F 136 0.14 -5.82 24.53
CA PRO F 136 0.75 -5.76 25.85
C PRO F 136 2.22 -5.36 25.70
N GLN F 137 2.94 -5.97 24.76
CA GLN F 137 4.32 -5.51 24.50
C GLN F 137 4.66 -5.94 23.08
N PRO F 138 5.34 -5.12 22.27
CA PRO F 138 5.78 -5.56 20.95
C PRO F 138 7.21 -6.07 21.09
#